data_1RJO
#
_entry.id   1RJO
#
_cell.length_a   158.009
_cell.length_b   63.189
_cell.length_c   92.149
_cell.angle_alpha   90.00
_cell.angle_beta   112.09
_cell.angle_gamma   90.00
#
_symmetry.space_group_name_H-M   'C 1 2 1'
#
loop_
_entity.id
_entity.type
_entity.pdbx_description
1 polymer 'Phenylethylamine oxidase'
2 non-polymer 'COPPER (II) ION'
3 non-polymer 'SODIUM ION'
4 non-polymer 'SULFATE ION'
5 non-polymer XENON
6 non-polymer GLYCEROL
7 water water
#
_entity_poly.entity_id   1
_entity_poly.type   'polypeptide(L)'
_entity_poly.pdbx_seq_one_letter_code
;PSTIQTASPFRLASAGEISEVQGILRTAGLLGPEKRIAYLGVLDPARGAGSEAEDRRFRVFIHDVSGARPQEVTVSVTNG
TVISAVELDTAATGELPVLEEEFEVVEQLLATDERWLKALAARNLDVSKVRVAPLSAGVFEYAEERGRRILRGLAFVQDF
PEDSAWAHPVDGLVAYVDVVSKEVTRVIDTGVFPVPAEHGNYTDPELTGPLRTTQKPISITQPEGPSFTVTGGNHIEWEK
WSLDVGFDVREGVVLHNIAFRDGDRLRPIINRASIAEMVVPYGDPSPIRSWQNYFDTGEYLVGQYANSLELGCDCLGDIT
YLSPVISDAFGNPREIRNGICMHEEDWGILAKHSDLWSGINYTRRNRRMVISFFTTIGN(TPQ)DYGFYWYLYLDGTIEF
EAKATGVVFTSAFPEGGSDNISQLAPGLGAPFHQHIFSARLDMAIDGFTNRVEEEDVVRQTMGPGNERGNAFSRKRTVLT
RESEAVREADARTGRTWIISNPESKNRLNEPVGYKLHAHNQPTLLADPGSSIARRAAFATKDLWVTRYADDERYPTGDFV
NQHSGGAGLPSYIAQDRDIDGQDIVVWHTFGLTHFPRVEDWPIMPVDTVGFKLRPEGFFDRSPVLDVPANPSQSGSHCHG
SNWSHPQFEK
;
_entity_poly.pdbx_strand_id   A
#
loop_
_chem_comp.id
_chem_comp.type
_chem_comp.name
_chem_comp.formula
CU non-polymer 'COPPER (II) ION' 'Cu 2'
GOL non-polymer GLYCEROL 'C3 H8 O3'
NA non-polymer 'SODIUM ION' 'Na 1'
SO4 non-polymer 'SULFATE ION' 'O4 S -2'
XE non-polymer XENON Xe
#
# COMPACT_ATOMS: atom_id res chain seq x y z
N ALA A 7 3.10 -27.73 3.69
CA ALA A 7 4.55 -28.01 3.88
C ALA A 7 5.41 -26.79 3.56
N SER A 8 4.95 -25.93 2.65
CA SER A 8 5.69 -24.72 2.31
C SER A 8 5.72 -23.78 3.51
N PRO A 9 6.91 -23.32 3.89
CA PRO A 9 7.03 -22.34 4.98
C PRO A 9 6.46 -20.96 4.63
N PHE A 10 6.09 -20.75 3.37
CA PHE A 10 5.44 -19.50 2.94
C PHE A 10 3.92 -19.58 2.83
N ARG A 11 3.32 -20.66 3.32
CA ARG A 11 1.87 -20.82 3.27
C ARG A 11 1.16 -19.75 4.09
N LEU A 12 -0.07 -19.43 3.70
CA LEU A 12 -0.93 -18.52 4.45
C LEU A 12 -1.14 -19.03 5.87
N ALA A 13 -1.29 -18.10 6.81
CA ALA A 13 -1.68 -18.42 8.17
C ALA A 13 -3.06 -19.08 8.14
N SER A 14 -3.21 -20.16 8.89
CA SER A 14 -4.49 -20.85 9.02
C SER A 14 -5.19 -20.44 10.30
N ALA A 15 -6.50 -20.68 10.35
CA ALA A 15 -7.30 -20.37 11.53
C ALA A 15 -6.72 -21.06 12.76
N GLY A 16 -6.24 -22.29 12.56
CA GLY A 16 -5.63 -23.06 13.63
C GLY A 16 -4.35 -22.45 14.18
N GLU A 17 -3.51 -21.93 13.30
CA GLU A 17 -2.28 -21.25 13.73
C GLU A 17 -2.58 -20.02 14.59
N ILE A 18 -3.60 -19.26 14.21
CA ILE A 18 -3.96 -18.04 14.95
C ILE A 18 -4.53 -18.40 16.32
N SER A 19 -5.44 -19.38 16.35
CA SER A 19 -5.95 -19.91 17.59
C SER A 19 -4.82 -20.43 18.48
N GLU A 20 -3.80 -21.02 17.87
CA GLU A 20 -2.68 -21.56 18.64
C GLU A 20 -1.80 -20.45 19.23
N VAL A 21 -1.58 -19.37 18.47
CA VAL A 21 -0.86 -18.20 18.97
C VAL A 21 -1.60 -17.66 20.17
N GLN A 22 -2.93 -17.56 20.04
CA GLN A 22 -3.80 -17.12 21.13
C GLN A 22 -3.58 -17.98 22.38
N GLY A 23 -3.54 -19.29 22.18
CA GLY A 23 -3.40 -20.24 23.27
C GLY A 23 -2.03 -20.17 23.93
N ILE A 24 -1.00 -19.96 23.12
CA ILE A 24 0.37 -19.83 23.62
C ILE A 24 0.52 -18.55 24.44
N LEU A 25 -0.05 -17.46 23.95
CA LEU A 25 0.00 -16.18 24.65
C LEU A 25 -0.77 -16.26 25.95
N ARG A 26 -1.93 -16.92 25.92
CA ARG A 26 -2.76 -17.08 27.11
C ARG A 26 -2.00 -17.85 28.18
N THR A 27 -1.42 -18.98 27.76
CA THR A 27 -0.68 -19.87 28.65
C THR A 27 0.52 -19.16 29.28
N ALA A 28 1.13 -18.24 28.52
CA ALA A 28 2.30 -17.48 28.96
C ALA A 28 1.96 -16.26 29.83
N GLY A 29 0.68 -15.98 30.01
CA GLY A 29 0.23 -14.88 30.85
C GLY A 29 0.22 -13.52 30.16
N LEU A 30 0.28 -13.53 28.82
CA LEU A 30 0.39 -12.32 28.02
C LEU A 30 -0.90 -11.86 27.35
N LEU A 31 -1.99 -12.62 27.52
CA LEU A 31 -3.26 -12.32 26.87
C LEU A 31 -4.47 -12.48 27.81
N GLY A 32 -4.42 -11.78 28.93
CA GLY A 32 -5.52 -11.71 29.86
C GLY A 32 -6.66 -10.84 29.33
N PRO A 33 -7.71 -10.69 30.12
CA PRO A 33 -8.94 -10.01 29.67
C PRO A 33 -8.79 -8.53 29.24
N GLU A 34 -7.77 -7.84 29.73
CA GLU A 34 -7.53 -6.43 29.34
C GLU A 34 -6.65 -6.28 28.10
N LYS A 35 -6.18 -7.40 27.55
CA LYS A 35 -5.27 -7.36 26.40
C LYS A 35 -6.02 -7.41 25.08
N ARG A 36 -5.48 -6.71 24.07
CA ARG A 36 -6.03 -6.73 22.72
C ARG A 36 -4.90 -6.85 21.70
N ILE A 37 -5.11 -7.65 20.67
CA ILE A 37 -4.13 -7.75 19.59
C ILE A 37 -4.36 -6.64 18.57
N ALA A 38 -3.40 -5.72 18.48
CA ALA A 38 -3.43 -4.61 17.52
C ALA A 38 -2.78 -4.98 16.19
N TYR A 39 -1.91 -5.99 16.21
CA TYR A 39 -1.28 -6.52 15.00
C TYR A 39 -0.86 -7.98 15.25
N LEU A 40 -1.07 -8.82 14.25
CA LEU A 40 -0.56 -10.18 14.27
C LEU A 40 -0.27 -10.60 12.84
N GLY A 41 0.93 -11.13 12.61
CA GLY A 41 1.32 -11.61 11.30
C GLY A 41 2.39 -12.66 11.38
N VAL A 42 2.43 -13.53 10.38
CA VAL A 42 3.49 -14.52 10.28
C VAL A 42 4.79 -13.82 9.86
N LEU A 43 5.91 -14.29 10.41
CA LEU A 43 7.22 -13.82 10.02
C LEU A 43 7.72 -14.71 8.90
N ASP A 44 8.45 -14.12 7.96
CA ASP A 44 9.04 -14.89 6.87
C ASP A 44 10.19 -15.73 7.42
N PRO A 45 10.49 -16.86 6.79
CA PRO A 45 11.64 -17.67 7.19
C PRO A 45 12.93 -16.86 7.07
N ALA A 46 13.88 -17.10 7.96
CA ALA A 46 15.19 -16.43 7.91
C ALA A 46 15.97 -16.87 6.68
N ARG A 47 16.94 -16.05 6.29
CA ARG A 47 17.88 -16.41 5.24
C ARG A 47 18.61 -17.68 5.63
N GLY A 48 18.72 -18.62 4.69
CA GLY A 48 19.16 -19.97 4.99
C GLY A 48 18.02 -20.72 5.64
N ALA A 49 18.34 -21.70 6.48
CA ALA A 49 17.32 -22.48 7.21
C ALA A 49 16.28 -23.13 6.29
N GLY A 50 16.61 -23.27 5.00
CA GLY A 50 15.77 -23.99 4.06
C GLY A 50 15.99 -25.48 4.22
N SER A 51 17.26 -25.86 4.42
CA SER A 51 17.62 -27.25 4.72
C SER A 51 17.18 -27.65 6.14
N GLU A 52 17.08 -26.65 7.03
CA GLU A 52 16.62 -26.89 8.41
C GLU A 52 15.11 -27.08 8.46
N ALA A 53 14.64 -27.69 9.55
CA ALA A 53 13.21 -27.89 9.77
C ALA A 53 12.51 -26.56 9.96
N GLU A 54 11.22 -26.51 9.64
CA GLU A 54 10.49 -25.26 9.65
C GLU A 54 10.14 -24.81 11.08
N ASP A 55 10.16 -23.49 11.27
CA ASP A 55 9.71 -22.86 12.49
C ASP A 55 8.79 -21.69 12.10
N ARG A 56 7.49 -21.93 12.19
CA ARG A 56 6.51 -20.89 11.92
C ARG A 56 6.45 -19.96 13.13
N ARG A 57 6.84 -18.71 12.91
CA ARG A 57 6.87 -17.70 13.95
C ARG A 57 5.89 -16.59 13.61
N PHE A 58 5.23 -16.07 14.64
CA PHE A 58 4.28 -14.97 14.50
C PHE A 58 4.72 -13.79 15.35
N ARG A 59 4.53 -12.60 14.81
CA ARG A 59 4.81 -11.36 15.49
C ARG A 59 3.50 -10.72 15.92
N VAL A 60 3.45 -10.27 17.16
CA VAL A 60 2.22 -9.76 17.76
C VAL A 60 2.49 -8.45 18.49
N PHE A 61 1.63 -7.46 18.27
CA PHE A 61 1.61 -6.23 19.05
C PHE A 61 0.40 -6.31 19.98
N ILE A 62 0.62 -6.28 21.29
CA ILE A 62 -0.47 -6.43 22.26
C ILE A 62 -0.72 -5.13 23.01
N HIS A 63 -1.94 -4.60 22.85
CA HIS A 63 -2.41 -3.40 23.52
C HIS A 63 -3.11 -3.78 24.84
N ASP A 64 -3.12 -2.86 25.78
CA ASP A 64 -3.75 -3.05 27.08
C ASP A 64 -4.73 -1.90 27.32
N VAL A 65 -6.01 -2.24 27.45
CA VAL A 65 -7.08 -1.23 27.59
C VAL A 65 -7.11 -0.53 28.95
N SER A 66 -6.46 -1.11 29.95
CA SER A 66 -6.42 -0.52 31.29
C SER A 66 -5.34 0.56 31.45
N GLY A 67 -4.53 0.77 30.41
CA GLY A 67 -3.51 1.82 30.44
C GLY A 67 -2.09 1.33 30.62
N ALA A 68 -1.91 0.02 30.80
CA ALA A 68 -0.58 -0.57 30.97
C ALA A 68 0.18 -0.54 29.65
N ARG A 69 1.49 -0.71 29.72
CA ARG A 69 2.31 -0.55 28.53
C ARG A 69 2.11 -1.75 27.58
N PRO A 70 2.09 -1.48 26.27
CA PRO A 70 1.89 -2.53 25.28
C PRO A 70 3.15 -3.39 25.15
N GLN A 71 3.03 -4.53 24.48
CA GLN A 71 4.16 -5.43 24.28
C GLN A 71 4.33 -5.81 22.82
N GLU A 72 5.57 -6.00 22.42
CA GLU A 72 5.90 -6.66 21.17
C GLU A 72 6.35 -8.08 21.48
N VAL A 73 5.70 -9.05 20.86
CA VAL A 73 5.91 -10.46 21.16
C VAL A 73 6.16 -11.27 19.90
N THR A 74 7.11 -12.19 19.97
CA THR A 74 7.33 -13.18 18.93
C THR A 74 7.03 -14.56 19.51
N VAL A 75 6.19 -15.33 18.82
CA VAL A 75 5.76 -16.66 19.23
C VAL A 75 6.16 -17.68 18.16
N SER A 76 6.66 -18.84 18.59
CA SER A 76 6.81 -19.99 17.70
C SER A 76 5.59 -20.88 17.84
N VAL A 77 4.72 -20.91 16.84
CA VAL A 77 3.51 -21.73 16.92
C VAL A 77 3.84 -23.20 16.73
N THR A 78 4.92 -23.48 16.01
CA THR A 78 5.43 -24.84 15.81
C THR A 78 5.81 -25.49 17.15
N ASN A 79 6.54 -24.74 17.97
CA ASN A 79 7.08 -25.26 19.23
C ASN A 79 6.22 -24.94 20.45
N GLY A 80 5.19 -24.11 20.27
CA GLY A 80 4.31 -23.70 21.35
C GLY A 80 4.96 -22.82 22.41
N THR A 81 5.87 -21.95 21.99
CA THR A 81 6.65 -21.13 22.92
C THR A 81 6.60 -19.64 22.60
N VAL A 82 6.82 -18.81 23.62
CA VAL A 82 7.12 -17.40 23.44
C VAL A 82 8.63 -17.27 23.23
N ILE A 83 9.03 -16.78 22.06
CA ILE A 83 10.44 -16.51 21.74
C ILE A 83 10.94 -15.26 22.47
N SER A 84 10.18 -14.17 22.36
CA SER A 84 10.54 -12.91 23.02
C SER A 84 9.31 -12.07 23.33
N ALA A 85 9.41 -11.24 24.36
CA ALA A 85 8.34 -10.34 24.75
C ALA A 85 8.94 -9.12 25.42
N VAL A 86 8.66 -7.94 24.88
CA VAL A 86 9.26 -6.70 25.39
C VAL A 86 8.21 -5.60 25.54
N GLU A 87 8.21 -4.94 26.69
CA GLU A 87 7.34 -3.80 26.93
C GLU A 87 7.81 -2.61 26.09
N LEU A 88 6.85 -1.94 25.46
CA LEU A 88 7.14 -0.81 24.60
C LEU A 88 6.88 0.49 25.33
N ASP A 89 7.77 1.46 25.12
CA ASP A 89 7.58 2.83 25.57
C ASP A 89 7.11 3.63 24.36
N THR A 90 5.81 3.84 24.26
CA THR A 90 5.22 4.39 23.03
C THR A 90 5.57 5.86 22.77
N ALA A 91 5.86 6.61 23.83
CA ALA A 91 6.32 7.99 23.68
C ALA A 91 7.63 8.05 22.88
N ALA A 92 8.46 7.02 23.01
CA ALA A 92 9.72 6.90 22.28
C ALA A 92 9.55 6.24 20.90
N THR A 93 9.04 5.02 20.87
CA THR A 93 9.08 4.20 19.65
C THR A 93 7.81 4.24 18.80
N GLY A 94 6.73 4.81 19.32
CA GLY A 94 5.49 4.95 18.59
C GLY A 94 4.32 4.20 19.20
N GLU A 95 3.12 4.71 18.97
CA GLU A 95 1.89 4.02 19.40
C GLU A 95 1.60 2.85 18.48
N LEU A 96 0.86 1.87 19.00
CA LEU A 96 0.43 0.73 18.21
C LEU A 96 -0.58 1.21 17.16
N PRO A 97 -0.79 0.42 16.11
CA PRO A 97 -1.80 0.76 15.10
C PRO A 97 -3.20 0.95 15.70
N VAL A 98 -4.01 1.81 15.08
CA VAL A 98 -5.38 2.05 15.53
C VAL A 98 -6.16 0.73 15.55
N LEU A 99 -6.90 0.50 16.62
CA LEU A 99 -7.76 -0.68 16.76
C LEU A 99 -9.10 -0.38 16.13
N GLU A 100 -9.71 -1.37 15.49
CA GLU A 100 -11.01 -1.15 14.88
C GLU A 100 -12.06 -0.72 15.92
N GLU A 101 -11.94 -1.25 17.14
CA GLU A 101 -12.89 -0.94 18.22
C GLU A 101 -12.82 0.52 18.67
N GLU A 102 -11.70 1.19 18.39
CA GLU A 102 -11.52 2.59 18.76
C GLU A 102 -12.18 3.59 17.80
N PHE A 103 -12.52 3.14 16.59
CA PHE A 103 -13.17 3.98 15.58
C PHE A 103 -14.43 4.66 16.12
N GLU A 104 -15.32 3.85 16.70
CA GLU A 104 -16.61 4.33 17.18
C GLU A 104 -16.48 5.21 18.42
N VAL A 105 -15.40 5.03 19.16
CA VAL A 105 -15.21 5.69 20.44
C VAL A 105 -15.20 7.22 20.33
N VAL A 106 -14.71 7.74 19.21
CA VAL A 106 -14.58 9.19 19.05
C VAL A 106 -15.95 9.87 19.09
N GLU A 107 -16.86 9.39 18.25
CA GLU A 107 -18.22 9.93 18.17
C GLU A 107 -18.98 9.77 19.49
N GLN A 108 -18.88 8.59 20.07
CA GLN A 108 -19.54 8.23 21.33
C GLN A 108 -19.17 9.16 22.48
N LEU A 109 -17.88 9.47 22.60
CA LEU A 109 -17.40 10.31 23.69
C LEU A 109 -17.79 11.76 23.44
N LEU A 110 -17.70 12.20 22.19
CA LEU A 110 -17.99 13.58 21.83
C LEU A 110 -19.46 13.91 22.02
N ALA A 111 -20.32 12.91 21.90
CA ALA A 111 -21.78 13.10 21.98
C ALA A 111 -22.27 13.61 23.34
N THR A 112 -21.50 13.37 24.40
CA THR A 112 -21.85 13.88 25.74
C THR A 112 -20.89 14.97 26.24
N ASP A 113 -20.04 15.49 25.36
CA ASP A 113 -19.11 16.56 25.73
C ASP A 113 -19.75 17.92 25.51
N GLU A 114 -19.69 18.78 26.54
CA GLU A 114 -20.39 20.06 26.53
C GLU A 114 -19.87 21.03 25.47
N ARG A 115 -18.56 21.01 25.22
CA ARG A 115 -17.96 21.85 24.19
C ARG A 115 -18.39 21.42 22.79
N TRP A 116 -18.40 20.12 22.53
CA TRP A 116 -18.84 19.57 21.26
C TRP A 116 -20.32 19.89 21.03
N LEU A 117 -21.14 19.70 22.06
CA LEU A 117 -22.57 19.97 21.97
C LEU A 117 -22.83 21.45 21.70
N LYS A 118 -22.01 22.31 22.31
CA LYS A 118 -22.15 23.75 22.09
C LYS A 118 -21.85 24.12 20.65
N ALA A 119 -20.81 23.49 20.09
CA ALA A 119 -20.44 23.72 18.70
C ALA A 119 -21.54 23.28 17.73
N LEU A 120 -22.15 22.14 18.01
CA LEU A 120 -23.19 21.60 17.14
C LEU A 120 -24.47 22.44 17.25
N ALA A 121 -24.76 22.91 18.46
CA ALA A 121 -25.94 23.75 18.68
C ALA A 121 -25.81 25.09 17.95
N ALA A 122 -24.59 25.63 17.88
CA ALA A 122 -24.35 26.89 17.18
C ALA A 122 -24.66 26.78 15.68
N ARG A 123 -24.57 25.55 15.16
CA ARG A 123 -24.82 25.23 13.77
C ARG A 123 -26.16 24.55 13.53
N ASN A 124 -26.97 24.45 14.59
CA ASN A 124 -28.30 23.87 14.52
C ASN A 124 -28.31 22.44 14.01
N LEU A 125 -27.32 21.67 14.47
CA LEU A 125 -27.16 20.28 14.09
C LEU A 125 -27.54 19.34 15.23
N ASP A 126 -28.38 18.37 14.91
CA ASP A 126 -28.83 17.33 15.83
C ASP A 126 -27.68 16.35 16.06
N VAL A 127 -27.24 16.20 17.31
CA VAL A 127 -26.11 15.34 17.65
C VAL A 127 -26.30 13.89 17.20
N SER A 128 -27.54 13.42 17.20
CA SER A 128 -27.85 12.06 16.74
C SER A 128 -27.53 11.85 15.25
N LYS A 129 -27.46 12.95 14.49
CA LYS A 129 -27.18 12.91 13.06
C LYS A 129 -25.73 13.22 12.69
N VAL A 130 -24.88 13.48 13.68
CA VAL A 130 -23.50 13.87 13.41
C VAL A 130 -22.55 12.68 13.55
N ARG A 131 -22.04 12.22 12.41
CA ARG A 131 -20.97 11.23 12.35
C ARG A 131 -19.61 11.89 12.57
N VAL A 132 -18.70 11.17 13.23
CA VAL A 132 -17.36 11.68 13.44
C VAL A 132 -16.36 10.68 12.88
N ALA A 133 -15.60 11.13 11.89
CA ALA A 133 -14.53 10.32 11.31
C ALA A 133 -13.39 10.25 12.33
N PRO A 134 -12.99 9.04 12.71
CA PRO A 134 -11.90 8.82 13.66
C PRO A 134 -10.55 8.76 12.95
N LEU A 135 -9.78 9.83 13.08
CA LEU A 135 -8.64 10.07 12.22
C LEU A 135 -7.34 10.04 13.00
N SER A 136 -6.28 9.53 12.39
CA SER A 136 -4.99 9.47 13.05
C SER A 136 -4.52 10.88 13.38
N ALA A 137 -3.78 11.01 14.48
CA ALA A 137 -3.49 12.30 15.08
C ALA A 137 -2.18 12.90 14.57
N GLY A 138 -1.21 12.05 14.26
CA GLY A 138 0.13 12.49 13.94
C GLY A 138 0.82 13.07 15.16
N VAL A 139 1.85 13.87 14.91
CA VAL A 139 2.66 14.50 15.95
C VAL A 139 2.81 15.97 15.60
N PHE A 140 2.22 16.83 16.43
CA PHE A 140 2.31 18.28 16.25
C PHE A 140 2.73 18.95 17.57
N GLU A 141 2.06 20.02 17.99
CA GLU A 141 2.60 20.88 19.05
C GLU A 141 2.00 20.60 20.43
N TYR A 142 1.17 19.56 20.52
CA TYR A 142 0.41 19.27 21.73
C TYR A 142 1.18 18.29 22.63
N ALA A 143 1.89 18.84 23.62
CA ALA A 143 2.79 18.06 24.46
C ALA A 143 2.11 16.97 25.30
N GLU A 144 0.85 17.19 25.66
CA GLU A 144 0.10 16.23 26.49
C GLU A 144 -0.27 14.95 25.72
N GLU A 145 -0.17 14.99 24.40
CA GLU A 145 -0.47 13.82 23.56
C GLU A 145 0.65 12.79 23.53
N ARG A 146 1.84 13.16 23.96
CA ARG A 146 3.00 12.28 23.88
C ARG A 146 2.88 11.16 24.91
N GLY A 147 2.90 9.91 24.43
CA GLY A 147 2.64 8.74 25.25
C GLY A 147 1.17 8.34 25.37
N ARG A 148 0.28 9.13 24.76
CA ARG A 148 -1.16 8.87 24.80
C ARG A 148 -1.68 8.44 23.43
N ARG A 149 -2.71 7.59 23.43
CA ARG A 149 -3.39 7.16 22.22
C ARG A 149 -4.50 8.14 21.88
N ILE A 150 -4.25 9.01 20.90
CA ILE A 150 -5.17 10.06 20.51
C ILE A 150 -5.72 9.80 19.12
N LEU A 151 -7.00 10.07 18.93
CA LEU A 151 -7.59 10.22 17.60
C LEU A 151 -8.22 11.59 17.50
N ARG A 152 -8.22 12.18 16.30
CA ARG A 152 -8.88 13.44 16.04
C ARG A 152 -10.16 13.19 15.26
N GLY A 153 -11.18 13.99 15.52
CA GLY A 153 -12.50 13.77 14.92
C GLY A 153 -12.92 14.95 14.08
N LEU A 154 -13.36 14.67 12.86
CA LEU A 154 -13.99 15.67 12.00
C LEU A 154 -15.43 15.24 11.77
N ALA A 155 -16.35 16.19 11.78
CA ALA A 155 -17.78 15.90 11.77
C ALA A 155 -18.40 16.01 10.39
N PHE A 156 -19.37 15.12 10.13
CA PHE A 156 -20.14 15.03 8.90
C PHE A 156 -21.58 14.70 9.27
N VAL A 157 -22.53 15.43 8.70
CA VAL A 157 -23.93 15.22 9.02
C VAL A 157 -24.52 14.15 8.12
N GLN A 158 -25.26 13.22 8.73
CA GLN A 158 -25.99 12.20 8.01
C GLN A 158 -27.48 12.44 8.22
N ASP A 159 -28.18 12.86 7.17
CA ASP A 159 -29.58 13.29 7.27
C ASP A 159 -30.53 12.15 7.60
N PHE A 160 -30.15 10.94 7.20
CA PHE A 160 -30.93 9.73 7.46
C PHE A 160 -29.99 8.51 7.33
N PRO A 161 -30.40 7.34 7.82
CA PRO A 161 -29.50 6.17 7.89
C PRO A 161 -28.71 5.85 6.62
N GLU A 162 -29.30 6.03 5.44
CA GLU A 162 -28.66 5.63 4.18
C GLU A 162 -28.01 6.81 3.43
N ASP A 163 -27.94 7.96 4.10
CA ASP A 163 -27.37 9.18 3.53
C ASP A 163 -25.84 9.14 3.54
N SER A 164 -25.24 9.76 2.53
CA SER A 164 -23.78 9.85 2.44
C SER A 164 -23.34 11.11 3.20
N ALA A 165 -22.76 10.89 4.37
CA ALA A 165 -22.42 11.97 5.29
C ALA A 165 -21.35 12.89 4.70
N TRP A 166 -20.53 12.35 3.80
CA TRP A 166 -19.44 13.09 3.16
C TRP A 166 -19.92 14.33 2.39
N ALA A 167 -21.19 14.34 1.99
CA ALA A 167 -21.80 15.49 1.33
C ALA A 167 -21.98 16.68 2.27
N HIS A 168 -21.90 16.43 3.58
CA HIS A 168 -22.25 17.43 4.58
C HIS A 168 -21.16 17.62 5.64
N PRO A 169 -19.96 18.04 5.22
CA PRO A 169 -18.88 18.29 6.18
C PRO A 169 -19.21 19.49 7.08
N VAL A 170 -18.81 19.40 8.35
CA VAL A 170 -18.98 20.47 9.33
C VAL A 170 -17.62 21.13 9.54
N ASP A 171 -17.35 22.17 8.77
CA ASP A 171 -16.05 22.82 8.78
C ASP A 171 -15.98 23.77 9.98
N GLY A 172 -14.76 24.12 10.34
CA GLY A 172 -14.50 25.03 11.44
C GLY A 172 -14.47 24.34 12.79
N LEU A 173 -14.54 23.01 12.79
CA LEU A 173 -14.68 22.24 14.03
C LEU A 173 -13.83 20.99 13.97
N VAL A 174 -13.05 20.76 15.01
CA VAL A 174 -12.27 19.54 15.16
C VAL A 174 -12.11 19.24 16.65
N ALA A 175 -12.05 17.96 17.00
CA ALA A 175 -11.88 17.56 18.39
C ALA A 175 -10.81 16.48 18.50
N TYR A 176 -10.17 16.42 19.66
CA TYR A 176 -9.12 15.45 19.94
C TYR A 176 -9.59 14.60 21.12
N VAL A 177 -9.37 13.29 21.05
CA VAL A 177 -9.88 12.35 22.05
C VAL A 177 -8.81 11.32 22.45
N ASP A 178 -8.68 11.11 23.75
CA ASP A 178 -7.86 10.03 24.31
C ASP A 178 -8.72 8.78 24.37
N VAL A 179 -8.44 7.80 23.51
CA VAL A 179 -9.31 6.63 23.36
C VAL A 179 -9.10 5.53 24.40
N VAL A 180 -8.11 5.69 25.28
CA VAL A 180 -7.86 4.74 26.36
C VAL A 180 -8.49 5.22 27.67
N SER A 181 -8.15 6.45 28.07
CA SER A 181 -8.74 7.04 29.27
C SER A 181 -10.17 7.50 29.01
N LYS A 182 -10.55 7.55 27.73
CA LYS A 182 -11.89 7.94 27.30
C LYS A 182 -12.20 9.36 27.76
N GLU A 183 -11.33 10.29 27.35
CA GLU A 183 -11.51 11.72 27.62
C GLU A 183 -11.38 12.53 26.35
N VAL A 184 -12.16 13.60 26.25
CA VAL A 184 -12.00 14.58 25.18
C VAL A 184 -10.98 15.61 25.65
N THR A 185 -9.82 15.65 24.99
CA THR A 185 -8.74 16.54 25.40
C THR A 185 -8.93 17.96 24.92
N ARG A 186 -9.48 18.14 23.73
CA ARG A 186 -9.64 19.47 23.14
C ARG A 186 -10.79 19.52 22.14
N VAL A 187 -11.50 20.64 22.11
CA VAL A 187 -12.48 20.92 21.06
C VAL A 187 -12.19 22.30 20.51
N ILE A 188 -11.87 22.37 19.23
CA ILE A 188 -11.52 23.62 18.56
C ILE A 188 -12.63 24.02 17.61
N ASP A 189 -13.19 25.21 17.85
CA ASP A 189 -14.19 25.77 16.98
C ASP A 189 -13.69 27.13 16.47
N THR A 190 -13.30 27.19 15.20
CA THR A 190 -12.77 28.42 14.59
C THR A 190 -13.84 29.31 13.96
N GLY A 191 -15.08 28.83 13.95
CA GLY A 191 -16.20 29.58 13.43
C GLY A 191 -17.08 28.74 12.55
N VAL A 192 -18.33 29.16 12.42
CA VAL A 192 -19.29 28.43 11.61
C VAL A 192 -19.02 28.62 10.12
N PHE A 193 -19.13 27.52 9.38
CA PHE A 193 -19.23 27.51 7.93
C PHE A 193 -20.59 26.89 7.59
N PRO A 194 -21.20 27.31 6.49
CA PRO A 194 -22.40 26.61 6.03
C PRO A 194 -22.09 25.14 5.78
N VAL A 195 -22.94 24.25 6.29
CA VAL A 195 -22.83 22.83 6.02
C VAL A 195 -23.51 22.60 4.68
N PRO A 196 -22.77 22.13 3.67
CA PRO A 196 -23.34 21.95 2.33
C PRO A 196 -24.60 21.08 2.36
N ALA A 197 -25.61 21.50 1.61
CA ALA A 197 -26.95 20.94 1.71
C ALA A 197 -27.28 19.85 0.70
N GLU A 198 -26.70 19.91 -0.51
CA GLU A 198 -26.98 18.89 -1.53
C GLU A 198 -26.55 17.53 -1.06
N HIS A 199 -27.38 16.51 -1.31
CA HIS A 199 -27.00 15.14 -1.00
C HIS A 199 -26.03 14.60 -2.06
N GLY A 200 -25.29 13.57 -1.68
CA GLY A 200 -24.36 12.89 -2.56
C GLY A 200 -24.66 11.41 -2.65
N ASN A 201 -25.95 11.09 -2.72
CA ASN A 201 -26.42 9.71 -2.73
C ASN A 201 -26.48 9.15 -4.14
N TYR A 202 -25.43 8.43 -4.50
CA TYR A 202 -25.20 7.95 -5.86
C TYR A 202 -26.05 6.72 -6.24
N THR A 203 -26.88 6.23 -5.31
CA THR A 203 -27.91 5.23 -5.66
C THR A 203 -29.34 5.79 -5.67
N ASP A 204 -29.49 7.07 -5.33
CA ASP A 204 -30.80 7.74 -5.41
C ASP A 204 -31.15 8.05 -6.87
N PRO A 205 -32.27 7.52 -7.37
CA PRO A 205 -32.71 7.79 -8.75
C PRO A 205 -32.85 9.27 -9.14
N GLU A 206 -33.13 10.14 -8.18
CA GLU A 206 -33.22 11.58 -8.43
C GLU A 206 -31.89 12.15 -8.93
N LEU A 207 -30.79 11.61 -8.43
CA LEU A 207 -29.45 12.06 -8.80
C LEU A 207 -28.87 11.29 -10.01
N THR A 208 -29.10 9.98 -10.06
CA THR A 208 -28.57 9.17 -11.17
C THR A 208 -29.35 9.38 -12.46
N GLY A 209 -30.63 9.74 -12.31
CA GLY A 209 -31.58 9.66 -13.40
C GLY A 209 -31.86 8.21 -13.74
N PRO A 210 -32.60 7.96 -14.82
CA PRO A 210 -32.87 6.60 -15.30
C PRO A 210 -31.56 5.86 -15.61
N LEU A 211 -31.43 4.63 -15.15
CA LEU A 211 -30.22 3.87 -15.41
C LEU A 211 -30.12 3.49 -16.88
N ARG A 212 -28.89 3.46 -17.40
CA ARG A 212 -28.66 3.08 -18.79
C ARG A 212 -29.16 1.68 -19.05
N THR A 213 -29.77 1.49 -20.22
CA THR A 213 -30.18 0.18 -20.70
C THR A 213 -29.38 -0.21 -21.94
N THR A 214 -28.28 0.49 -22.19
CA THR A 214 -27.53 0.37 -23.44
C THR A 214 -26.34 -0.59 -23.37
N GLN A 215 -25.99 -1.04 -22.16
CA GLN A 215 -24.83 -1.89 -21.98
C GLN A 215 -25.21 -3.35 -22.16
N LYS A 216 -24.77 -3.92 -23.28
CA LYS A 216 -24.96 -5.34 -23.56
C LYS A 216 -23.88 -6.14 -22.82
N PRO A 217 -24.19 -7.38 -22.44
CA PRO A 217 -23.25 -8.18 -21.66
C PRO A 217 -21.92 -8.47 -22.35
N ILE A 218 -20.87 -8.56 -21.54
CA ILE A 218 -19.59 -9.10 -21.95
C ILE A 218 -19.36 -10.34 -21.10
N SER A 219 -19.19 -11.48 -21.78
CA SER A 219 -18.99 -12.75 -21.10
C SER A 219 -17.55 -13.19 -21.28
N ILE A 220 -16.83 -13.31 -20.18
CA ILE A 220 -15.46 -13.82 -20.20
C ILE A 220 -15.44 -15.15 -19.45
N THR A 221 -15.16 -16.23 -20.18
CA THR A 221 -15.14 -17.57 -19.62
C THR A 221 -13.89 -18.32 -20.05
N GLN A 222 -13.60 -19.40 -19.32
CA GLN A 222 -12.50 -20.28 -19.64
C GLN A 222 -13.08 -21.70 -19.58
N PRO A 223 -13.47 -22.25 -20.73
CA PRO A 223 -14.19 -23.52 -20.75
C PRO A 223 -13.37 -24.72 -20.24
N GLU A 224 -12.05 -24.63 -20.32
CA GLU A 224 -11.15 -25.66 -19.79
C GLU A 224 -10.51 -25.25 -18.45
N GLY A 225 -11.02 -24.18 -17.84
CA GLY A 225 -10.46 -23.66 -16.60
C GLY A 225 -9.26 -22.76 -16.85
N PRO A 226 -8.66 -22.25 -15.78
CA PRO A 226 -7.52 -21.33 -15.88
C PRO A 226 -6.21 -22.04 -16.18
N SER A 227 -5.24 -21.30 -16.70
CA SER A 227 -3.94 -21.86 -17.08
C SER A 227 -2.97 -21.92 -15.91
N PHE A 228 -3.35 -21.31 -14.78
CA PHE A 228 -2.53 -21.36 -13.57
C PHE A 228 -2.99 -22.49 -12.64
N THR A 229 -2.06 -22.98 -11.83
CA THR A 229 -2.33 -23.97 -10.79
C THR A 229 -2.07 -23.35 -9.43
N VAL A 230 -2.87 -23.77 -8.45
CA VAL A 230 -2.66 -23.39 -7.06
C VAL A 230 -2.43 -24.68 -6.28
N THR A 231 -1.29 -24.76 -5.59
CA THR A 231 -0.96 -25.88 -4.72
C THR A 231 -0.49 -25.36 -3.37
N GLY A 232 -0.65 -26.18 -2.33
CA GLY A 232 -0.28 -25.80 -0.98
C GLY A 232 -0.99 -24.54 -0.49
N GLY A 233 -2.20 -24.32 -1.00
CA GLY A 233 -3.01 -23.17 -0.62
C GLY A 233 -2.71 -21.87 -1.35
N ASN A 234 -1.45 -21.59 -1.62
CA ASN A 234 -1.04 -20.25 -2.11
C ASN A 234 0.18 -20.22 -3.03
N HIS A 235 0.65 -21.38 -3.47
CA HIS A 235 1.73 -21.44 -4.45
C HIS A 235 1.13 -21.44 -5.85
N ILE A 236 1.47 -20.43 -6.64
CA ILE A 236 0.95 -20.26 -7.98
C ILE A 236 2.01 -20.60 -9.02
N GLU A 237 1.59 -21.31 -10.06
CA GLU A 237 2.44 -21.52 -11.22
C GLU A 237 1.63 -21.17 -12.46
N TRP A 238 2.22 -20.36 -13.33
CA TRP A 238 1.53 -19.84 -14.49
C TRP A 238 2.53 -19.40 -15.54
N GLU A 239 2.53 -20.07 -16.69
CA GLU A 239 3.30 -19.61 -17.86
C GLU A 239 4.75 -19.28 -17.51
N LYS A 240 5.40 -20.24 -16.85
CA LYS A 240 6.81 -20.21 -16.46
C LYS A 240 7.06 -19.48 -15.14
N TRP A 241 6.12 -18.67 -14.70
CA TRP A 241 6.24 -17.96 -13.43
C TRP A 241 5.88 -18.86 -12.28
N SER A 242 6.51 -18.64 -11.14
CA SER A 242 6.05 -19.21 -9.89
C SER A 242 6.27 -18.23 -8.75
N LEU A 243 5.37 -18.28 -7.77
CA LEU A 243 5.46 -17.45 -6.59
C LEU A 243 4.51 -17.99 -5.52
N ASP A 244 4.58 -17.39 -4.34
CA ASP A 244 3.67 -17.67 -3.25
C ASP A 244 2.95 -16.38 -2.90
N VAL A 245 1.64 -16.46 -2.77
CA VAL A 245 0.82 -15.30 -2.43
C VAL A 245 0.56 -15.28 -0.93
N GLY A 246 1.25 -14.38 -0.24
CA GLY A 246 1.04 -14.14 1.18
C GLY A 246 0.01 -13.06 1.42
N PHE A 247 -0.42 -12.97 2.67
CA PHE A 247 -1.29 -11.90 3.10
C PHE A 247 -0.94 -11.51 4.52
N ASP A 248 -0.79 -10.21 4.72
CA ASP A 248 -0.46 -9.65 6.02
C ASP A 248 -1.48 -8.57 6.33
N VAL A 249 -1.87 -8.45 7.59
CA VAL A 249 -2.92 -7.52 7.98
C VAL A 249 -2.49 -6.07 7.74
N ARG A 250 -1.19 -5.80 7.84
CA ARG A 250 -0.65 -4.47 7.58
C ARG A 250 -0.48 -4.18 6.09
N GLU A 251 0.35 -4.98 5.42
CA GLU A 251 0.72 -4.74 4.03
C GLU A 251 -0.32 -5.18 2.99
N GLY A 252 -1.19 -6.10 3.36
CA GLY A 252 -2.12 -6.73 2.43
C GLY A 252 -1.45 -7.87 1.69
N VAL A 253 -1.75 -8.01 0.39
CA VAL A 253 -1.14 -9.06 -0.42
C VAL A 253 0.36 -8.82 -0.54
N VAL A 254 1.13 -9.86 -0.25
CA VAL A 254 2.58 -9.85 -0.36
C VAL A 254 2.98 -10.98 -1.31
N LEU A 255 3.87 -10.71 -2.25
CA LEU A 255 4.36 -11.76 -3.15
C LEU A 255 5.73 -12.25 -2.71
N HIS A 256 5.88 -13.56 -2.59
CA HIS A 256 7.13 -14.19 -2.18
C HIS A 256 7.69 -15.07 -3.31
N ASN A 257 9.01 -15.12 -3.42
CA ASN A 257 9.68 -16.08 -4.31
C ASN A 257 9.25 -15.99 -5.76
N ILE A 258 9.17 -14.76 -6.27
CA ILE A 258 8.86 -14.56 -7.68
C ILE A 258 10.05 -15.07 -8.49
N ALA A 259 9.78 -16.08 -9.32
CA ALA A 259 10.80 -16.72 -10.14
C ALA A 259 10.21 -17.13 -11.49
N PHE A 260 11.10 -17.41 -12.44
CA PHE A 260 10.71 -17.71 -13.82
C PHE A 260 11.49 -18.94 -14.28
N ARG A 261 10.80 -19.93 -14.83
CA ARG A 261 11.42 -21.19 -15.25
C ARG A 261 11.89 -21.02 -16.69
N ASP A 262 13.20 -20.87 -16.82
CA ASP A 262 13.85 -20.63 -18.10
C ASP A 262 14.57 -21.92 -18.46
N GLY A 263 13.97 -22.69 -19.37
CA GLY A 263 14.43 -24.02 -19.68
C GLY A 263 14.23 -24.92 -18.47
N ASP A 264 15.30 -25.53 -18.00
CA ASP A 264 15.23 -26.42 -16.83
C ASP A 264 15.46 -25.70 -15.50
N ARG A 265 15.87 -24.44 -15.55
CA ARG A 265 16.34 -23.72 -14.36
C ARG A 265 15.29 -22.75 -13.83
N LEU A 266 14.98 -22.85 -12.54
CA LEU A 266 14.09 -21.92 -11.86
C LEU A 266 14.93 -20.73 -11.41
N ARG A 267 14.73 -19.58 -12.04
CA ARG A 267 15.57 -18.40 -11.83
C ARG A 267 14.83 -17.38 -10.96
N PRO A 268 15.32 -17.13 -9.75
CA PRO A 268 14.71 -16.11 -8.89
C PRO A 268 14.79 -14.72 -9.54
N ILE A 269 13.80 -13.88 -9.23
CA ILE A 269 13.80 -12.50 -9.69
C ILE A 269 13.58 -11.56 -8.50
N ILE A 270 12.48 -11.73 -7.80
CA ILE A 270 12.19 -10.94 -6.60
C ILE A 270 11.86 -11.87 -5.44
N ASN A 271 12.58 -11.71 -4.34
CA ASN A 271 12.34 -12.51 -3.15
C ASN A 271 11.07 -12.13 -2.40
N ARG A 272 10.81 -10.83 -2.29
CA ARG A 272 9.61 -10.34 -1.62
C ARG A 272 9.19 -9.00 -2.19
N ALA A 273 7.92 -8.90 -2.55
CA ALA A 273 7.36 -7.66 -3.09
C ALA A 273 6.14 -7.28 -2.28
N SER A 274 6.11 -6.04 -1.81
CA SER A 274 4.96 -5.55 -1.06
C SER A 274 4.83 -4.05 -1.18
N ILE A 275 3.65 -3.54 -0.85
CA ILE A 275 3.45 -2.12 -0.57
C ILE A 275 3.63 -1.98 0.93
N ALA A 276 4.78 -1.45 1.34
CA ALA A 276 5.20 -1.43 2.73
C ALA A 276 4.71 -0.21 3.49
N GLU A 277 4.24 0.80 2.76
CA GLU A 277 3.59 1.96 3.34
C GLU A 277 2.77 2.70 2.29
N MET A 278 1.75 3.42 2.75
CA MET A 278 1.09 4.39 1.92
C MET A 278 0.61 5.53 2.79
N VAL A 279 0.79 6.75 2.29
CA VAL A 279 0.43 7.93 3.06
C VAL A 279 -0.41 8.85 2.20
N VAL A 280 -1.37 9.51 2.83
CA VAL A 280 -2.25 10.46 2.16
C VAL A 280 -2.14 11.79 2.89
N PRO A 281 -1.18 12.62 2.49
CA PRO A 281 -1.02 13.95 3.10
C PRO A 281 -1.96 14.99 2.48
N TYR A 282 -2.56 15.83 3.32
CA TYR A 282 -3.46 16.89 2.86
C TYR A 282 -2.76 18.24 2.80
N GLY A 283 -3.10 19.01 1.78
CA GLY A 283 -2.44 20.27 1.46
C GLY A 283 -3.23 21.52 1.78
N ASP A 284 -4.21 21.42 2.67
CA ASP A 284 -5.04 22.55 3.10
C ASP A 284 -4.45 23.10 4.42
N PRO A 285 -4.00 24.35 4.41
CA PRO A 285 -3.41 24.95 5.61
C PRO A 285 -4.42 25.32 6.72
N SER A 286 -5.71 25.10 6.53
CA SER A 286 -6.67 25.35 7.60
C SER A 286 -6.31 24.51 8.83
N PRO A 287 -6.38 25.09 10.03
CA PRO A 287 -6.07 24.32 11.25
C PRO A 287 -7.05 23.15 11.50
N ILE A 288 -8.18 23.18 10.84
CA ILE A 288 -9.15 22.09 10.91
C ILE A 288 -8.63 20.80 10.27
N ARG A 289 -7.77 20.93 9.25
CA ARG A 289 -7.24 19.76 8.54
C ARG A 289 -5.71 19.76 8.30
N SER A 290 -4.98 20.75 8.80
CA SER A 290 -3.54 20.85 8.44
C SER A 290 -2.68 19.73 9.05
N TRP A 291 -3.23 19.05 10.05
CA TRP A 291 -2.61 17.89 10.71
C TRP A 291 -2.87 16.56 10.00
N GLN A 292 -3.71 16.58 8.96
CA GLN A 292 -4.27 15.38 8.33
C GLN A 292 -3.28 14.66 7.42
N ASN A 293 -2.85 13.46 7.84
CA ASN A 293 -2.01 12.57 7.04
C ASN A 293 -2.32 11.13 7.40
N TYR A 294 -2.92 10.39 6.49
CA TYR A 294 -3.32 9.03 6.78
C TYR A 294 -2.29 8.05 6.24
N PHE A 295 -1.62 7.34 7.14
CA PHE A 295 -0.78 6.21 6.76
C PHE A 295 -1.68 4.98 6.78
N ASP A 296 -2.34 4.70 5.67
CA ASP A 296 -3.35 3.64 5.67
C ASP A 296 -2.73 2.29 6.01
N THR A 297 -1.52 2.04 5.51
CA THR A 297 -0.83 0.80 5.80
C THR A 297 -0.31 0.75 7.25
N GLY A 298 0.47 1.76 7.63
CA GLY A 298 1.20 1.77 8.90
C GLY A 298 0.36 2.06 10.13
N GLU A 299 -0.61 2.97 9.99
CA GLU A 299 -1.50 3.35 11.09
C GLU A 299 -2.78 2.53 11.18
N TYR A 300 -3.41 2.27 10.04
CA TYR A 300 -4.73 1.61 10.02
C TYR A 300 -4.68 0.10 9.72
N LEU A 301 -3.65 -0.34 8.99
CA LEU A 301 -3.49 -1.73 8.53
C LEU A 301 -4.50 -2.05 7.43
N VAL A 302 -4.08 -1.88 6.18
CA VAL A 302 -5.00 -2.02 5.02
C VAL A 302 -5.53 -3.43 4.82
N GLY A 303 -4.72 -4.43 5.15
CA GLY A 303 -5.16 -5.81 5.03
C GLY A 303 -6.40 -6.12 5.86
N GLN A 304 -6.50 -5.52 7.04
CA GLN A 304 -7.59 -5.85 7.94
C GLN A 304 -8.95 -5.40 7.40
N TYR A 305 -8.95 -4.37 6.55
CA TYR A 305 -10.18 -3.84 5.94
C TYR A 305 -10.42 -4.29 4.50
N ALA A 306 -9.73 -5.36 4.08
CA ALA A 306 -9.92 -5.92 2.76
C ALA A 306 -11.37 -6.32 2.57
N ASN A 307 -11.94 -5.93 1.44
CA ASN A 307 -13.30 -6.30 1.08
C ASN A 307 -13.43 -7.78 0.74
N SER A 308 -14.62 -8.35 0.98
CA SER A 308 -15.02 -9.60 0.35
C SER A 308 -15.50 -9.29 -1.06
N LEU A 309 -14.84 -9.87 -2.06
CA LEU A 309 -15.02 -9.50 -3.47
C LEU A 309 -16.03 -10.40 -4.17
N GLU A 310 -17.11 -9.79 -4.65
CA GLU A 310 -18.22 -10.51 -5.28
C GLU A 310 -17.90 -10.88 -6.72
N LEU A 311 -18.31 -12.08 -7.13
CA LEU A 311 -18.06 -12.57 -8.48
C LEU A 311 -18.93 -11.85 -9.52
N GLY A 312 -18.32 -11.46 -10.64
CA GLY A 312 -19.01 -10.74 -11.70
C GLY A 312 -19.16 -9.25 -11.45
N CYS A 313 -18.76 -8.77 -10.28
CA CYS A 313 -18.87 -7.37 -9.93
C CYS A 313 -17.46 -6.80 -9.70
N ASP A 314 -16.75 -7.33 -8.72
CA ASP A 314 -15.39 -6.86 -8.39
C ASP A 314 -14.32 -7.53 -9.24
N CYS A 315 -14.51 -8.82 -9.54
CA CYS A 315 -13.55 -9.59 -10.33
C CYS A 315 -14.30 -10.40 -11.39
N LEU A 316 -13.98 -10.15 -12.65
CA LEU A 316 -14.72 -10.69 -13.79
C LEU A 316 -13.90 -11.76 -14.51
N GLY A 317 -14.57 -12.87 -14.86
CA GLY A 317 -13.92 -13.98 -15.55
C GLY A 317 -13.89 -15.24 -14.69
N ASP A 318 -12.95 -16.13 -15.00
CA ASP A 318 -12.74 -17.34 -14.22
C ASP A 318 -11.80 -17.02 -13.07
N ILE A 319 -12.37 -16.80 -11.88
CA ILE A 319 -11.64 -16.31 -10.73
C ILE A 319 -11.39 -17.43 -9.72
N THR A 320 -10.15 -17.51 -9.24
CA THR A 320 -9.80 -18.34 -8.10
C THR A 320 -9.54 -17.43 -6.91
N TYR A 321 -10.27 -17.65 -5.82
CA TYR A 321 -10.14 -16.81 -4.62
C TYR A 321 -9.28 -17.44 -3.55
N LEU A 322 -8.55 -16.60 -2.81
CA LEU A 322 -8.02 -16.97 -1.51
C LEU A 322 -8.82 -16.22 -0.45
N SER A 323 -8.93 -16.84 0.73
CA SER A 323 -9.69 -16.30 1.83
C SER A 323 -8.74 -16.27 3.01
N PRO A 324 -7.95 -15.19 3.12
CA PRO A 324 -6.93 -15.12 4.16
C PRO A 324 -7.55 -15.01 5.54
N VAL A 325 -6.85 -15.50 6.55
CA VAL A 325 -7.32 -15.44 7.92
C VAL A 325 -6.46 -14.45 8.69
N ILE A 326 -7.12 -13.62 9.49
CA ILE A 326 -6.47 -12.66 10.38
C ILE A 326 -6.99 -12.84 11.81
N SER A 327 -6.30 -12.23 12.76
CA SER A 327 -6.75 -12.22 14.15
C SER A 327 -7.68 -11.06 14.39
N ASP A 328 -8.73 -11.29 15.17
CA ASP A 328 -9.52 -10.18 15.71
C ASP A 328 -8.78 -9.63 16.94
N ALA A 329 -9.41 -8.69 17.65
CA ALA A 329 -8.77 -8.01 18.76
C ALA A 329 -8.47 -8.91 19.95
N PHE A 330 -9.11 -10.07 20.02
CA PHE A 330 -8.94 -10.99 21.14
C PHE A 330 -8.11 -12.23 20.82
N GLY A 331 -7.68 -12.35 19.56
CA GLY A 331 -6.87 -13.47 19.13
C GLY A 331 -7.63 -14.61 18.46
N ASN A 332 -8.92 -14.41 18.21
CA ASN A 332 -9.72 -15.40 17.48
C ASN A 332 -9.53 -15.20 15.98
N PRO A 333 -9.43 -16.29 15.24
CA PRO A 333 -9.30 -16.19 13.78
C PRO A 333 -10.59 -15.66 13.13
N ARG A 334 -10.42 -14.85 12.10
CA ARG A 334 -11.51 -14.30 11.32
C ARG A 334 -11.09 -14.41 9.86
N GLU A 335 -11.95 -15.01 9.05
CA GLU A 335 -11.70 -15.19 7.63
C GLU A 335 -12.18 -13.97 6.86
N ILE A 336 -11.37 -13.48 5.93
CA ILE A 336 -11.81 -12.52 4.93
C ILE A 336 -12.20 -13.31 3.69
N ARG A 337 -13.48 -13.65 3.61
CA ARG A 337 -14.01 -14.51 2.54
C ARG A 337 -13.80 -13.85 1.18
N ASN A 338 -13.18 -14.59 0.26
CA ASN A 338 -12.93 -14.12 -1.10
C ASN A 338 -12.22 -12.76 -1.13
N GLY A 339 -11.22 -12.63 -0.26
CA GLY A 339 -10.49 -11.38 -0.09
C GLY A 339 -9.41 -11.14 -1.12
N ILE A 340 -8.91 -12.20 -1.75
CA ILE A 340 -7.90 -12.08 -2.80
C ILE A 340 -8.43 -12.73 -4.08
N CYS A 341 -8.38 -11.98 -5.19
CA CYS A 341 -8.74 -12.48 -6.51
C CYS A 341 -7.50 -12.87 -7.29
N MET A 342 -7.59 -14.00 -7.96
CA MET A 342 -6.56 -14.47 -8.87
C MET A 342 -7.20 -14.92 -10.18
N HIS A 343 -6.73 -14.34 -11.27
CA HIS A 343 -7.18 -14.72 -12.60
C HIS A 343 -6.16 -14.32 -13.65
N GLU A 344 -6.24 -14.96 -14.81
CA GLU A 344 -5.46 -14.56 -15.98
C GLU A 344 -6.37 -13.85 -16.97
N GLU A 345 -5.83 -12.88 -17.70
CA GLU A 345 -6.60 -12.21 -18.73
C GLU A 345 -5.77 -11.98 -19.98
N ASP A 346 -6.47 -11.95 -21.09
CA ASP A 346 -5.89 -11.58 -22.35
C ASP A 346 -5.34 -10.16 -22.29
N TRP A 347 -4.21 -9.91 -22.93
CA TRP A 347 -3.60 -8.58 -22.92
C TRP A 347 -3.13 -8.14 -24.32
N GLY A 348 -4.00 -8.31 -25.31
CA GLY A 348 -3.76 -7.76 -26.63
C GLY A 348 -2.65 -8.53 -27.33
N ILE A 349 -2.00 -7.87 -28.27
CA ILE A 349 -0.96 -8.49 -29.06
C ILE A 349 0.37 -8.49 -28.28
N LEU A 350 1.04 -9.63 -28.32
CA LEU A 350 2.33 -9.84 -27.67
C LEU A 350 3.47 -9.49 -28.63
N ALA A 351 3.35 -9.98 -29.85
CA ALA A 351 4.37 -9.78 -30.87
C ALA A 351 3.74 -10.00 -32.24
N LYS A 352 4.20 -9.26 -33.22
CA LYS A 352 3.58 -9.28 -34.53
C LYS A 352 4.58 -8.82 -35.57
N HIS A 353 4.71 -9.57 -36.66
CA HIS A 353 5.44 -9.10 -37.82
C HIS A 353 4.96 -9.75 -39.10
N SER A 354 4.78 -8.93 -40.13
CA SER A 354 4.44 -9.40 -41.46
C SER A 354 5.62 -9.10 -42.37
N ASP A 355 6.39 -10.11 -42.73
CA ASP A 355 7.64 -9.91 -43.44
C ASP A 355 7.48 -10.06 -44.94
N LEU A 356 7.85 -9.02 -45.67
CA LEU A 356 7.76 -9.06 -47.13
C LEU A 356 8.68 -10.14 -47.71
N TRP A 357 9.93 -10.12 -47.27
CA TRP A 357 10.95 -10.98 -47.88
C TRP A 357 10.73 -12.48 -47.64
N SER A 358 10.31 -12.84 -46.44
CA SER A 358 10.13 -14.25 -46.10
C SER A 358 8.73 -14.74 -46.44
N GLY A 359 7.79 -13.80 -46.57
CA GLY A 359 6.39 -14.12 -46.77
C GLY A 359 5.67 -14.60 -45.52
N ILE A 360 6.35 -14.61 -44.38
CA ILE A 360 5.78 -15.14 -43.14
C ILE A 360 5.09 -14.03 -42.38
N ASN A 361 3.83 -14.27 -42.04
CA ASN A 361 3.05 -13.40 -41.17
C ASN A 361 2.86 -14.11 -39.84
N TYR A 362 3.09 -13.38 -38.77
CA TYR A 362 3.19 -13.96 -37.45
C TYR A 362 2.50 -13.05 -36.47
N THR A 363 1.62 -13.60 -35.65
CA THR A 363 0.97 -12.85 -34.58
C THR A 363 0.84 -13.75 -33.36
N ARG A 364 1.20 -13.21 -32.19
CA ARG A 364 0.97 -13.90 -30.94
C ARG A 364 0.27 -12.97 -29.96
N ARG A 365 -0.56 -13.54 -29.10
CA ARG A 365 -1.30 -12.77 -28.12
C ARG A 365 -0.65 -12.85 -26.75
N ASN A 366 -0.78 -11.75 -26.02
CA ASN A 366 -0.25 -11.63 -24.67
C ASN A 366 -1.32 -11.99 -23.64
N ARG A 367 -0.86 -12.28 -22.42
CA ARG A 367 -1.73 -12.50 -21.27
C ARG A 367 -1.01 -12.01 -20.04
N ARG A 368 -1.77 -11.72 -19.00
CA ARG A 368 -1.18 -11.45 -17.70
C ARG A 368 -1.90 -12.20 -16.59
N MET A 369 -1.15 -12.61 -15.58
CA MET A 369 -1.69 -13.11 -14.33
C MET A 369 -1.94 -11.91 -13.43
N VAL A 370 -3.12 -11.88 -12.82
CA VAL A 370 -3.54 -10.79 -11.93
C VAL A 370 -3.80 -11.33 -10.53
N ILE A 371 -3.17 -10.72 -9.55
CA ILE A 371 -3.44 -11.03 -8.15
C ILE A 371 -3.78 -9.73 -7.45
N SER A 372 -4.98 -9.65 -6.88
CA SER A 372 -5.47 -8.38 -6.35
C SER A 372 -6.30 -8.49 -5.09
N PHE A 373 -6.38 -7.37 -4.37
CA PHE A 373 -7.37 -7.18 -3.32
C PHE A 373 -7.85 -5.73 -3.31
N PHE A 374 -8.94 -5.49 -2.60
CA PHE A 374 -9.50 -4.13 -2.48
C PHE A 374 -9.79 -3.88 -1.03
N THR A 375 -9.45 -2.69 -0.55
CA THR A 375 -9.64 -2.34 0.86
C THR A 375 -10.41 -1.03 0.99
N THR A 376 -11.04 -0.82 2.14
CA THR A 376 -11.80 0.39 2.43
C THR A 376 -11.30 0.99 3.73
N ILE A 377 -10.85 2.24 3.68
CA ILE A 377 -10.44 2.99 4.86
C ILE A 377 -11.31 4.24 4.91
N GLY A 378 -12.37 4.22 5.71
CA GLY A 378 -13.29 5.34 5.81
C GLY A 378 -13.95 5.72 4.48
N ASN A 379 -13.63 6.90 3.98
CA ASN A 379 -14.16 7.36 2.70
C ASN A 379 -13.41 6.75 1.52
N TPQ A 380 -12.18 6.27 1.67
CA TPQ A 380 -11.25 5.87 0.62
CB TPQ A 380 -9.78 6.03 0.98
C TPQ A 380 -11.41 4.40 0.26
O TPQ A 380 -11.65 3.66 1.21
C1 TPQ A 380 -9.42 7.36 1.58
C2 TPQ A 380 -9.22 8.54 0.71
O2 TPQ A 380 -9.38 8.43 -0.61
C3 TPQ A 380 -8.87 9.77 1.28
C4 TPQ A 380 -8.72 9.87 2.66
O4 TPQ A 380 -8.40 11.03 3.23
C5 TPQ A 380 -8.91 8.70 3.54
O5 TPQ A 380 -8.77 8.82 4.86
C6 TPQ A 380 -9.26 7.47 2.97
N ASP A 381 -11.33 3.96 -0.99
CA ASP A 381 -11.25 2.53 -1.35
C ASP A 381 -10.11 2.38 -2.33
N TYR A 382 -9.20 1.45 -2.05
CA TYR A 382 -8.02 1.23 -2.88
C TYR A 382 -7.96 -0.23 -3.34
N GLY A 383 -7.71 -0.42 -4.63
CA GLY A 383 -7.39 -1.71 -5.19
C GLY A 383 -5.89 -1.82 -5.40
N PHE A 384 -5.31 -2.95 -5.00
CA PHE A 384 -3.89 -3.24 -5.15
C PHE A 384 -3.79 -4.41 -6.13
N TYR A 385 -3.14 -4.19 -7.28
CA TYR A 385 -3.05 -5.17 -8.35
C TYR A 385 -1.60 -5.47 -8.69
N TRP A 386 -1.22 -6.74 -8.63
CA TRP A 386 0.04 -7.23 -9.17
C TRP A 386 -0.21 -8.01 -10.45
N TYR A 387 0.63 -7.77 -11.46
CA TYR A 387 0.54 -8.39 -12.77
C TYR A 387 1.86 -9.05 -13.14
N LEU A 388 1.78 -10.27 -13.67
CA LEU A 388 2.91 -10.93 -14.32
C LEU A 388 2.54 -11.16 -15.78
N TYR A 389 3.44 -10.81 -16.70
CA TYR A 389 3.18 -10.91 -18.13
C TYR A 389 3.99 -12.04 -18.75
N LEU A 390 3.53 -12.57 -19.89
CA LEU A 390 4.23 -13.66 -20.57
C LEU A 390 5.70 -13.31 -20.83
N ASP A 391 5.97 -12.05 -21.15
CA ASP A 391 7.29 -11.62 -21.61
C ASP A 391 8.29 -11.33 -20.48
N GLY A 392 7.91 -11.61 -19.23
CA GLY A 392 8.79 -11.41 -18.09
C GLY A 392 8.56 -10.12 -17.32
N THR A 393 7.72 -9.23 -17.83
CA THR A 393 7.39 -8.01 -17.15
C THR A 393 6.59 -8.25 -15.86
N ILE A 394 6.94 -7.49 -14.81
CA ILE A 394 6.24 -7.49 -13.54
C ILE A 394 5.72 -6.08 -13.33
N GLU A 395 4.46 -5.93 -12.95
CA GLU A 395 3.87 -4.61 -12.77
C GLU A 395 3.00 -4.56 -11.51
N PHE A 396 2.96 -3.39 -10.91
CA PHE A 396 2.01 -3.09 -9.86
C PHE A 396 1.16 -1.87 -10.27
N GLU A 397 -0.11 -1.93 -9.91
CA GLU A 397 -1.02 -0.82 -10.12
C GLU A 397 -1.92 -0.66 -8.89
N ALA A 398 -2.02 0.57 -8.41
CA ALA A 398 -2.99 0.96 -7.39
C ALA A 398 -4.14 1.67 -8.07
N LYS A 399 -5.36 1.32 -7.67
CA LYS A 399 -6.58 1.96 -8.16
C LYS A 399 -7.25 2.68 -6.99
N ALA A 400 -7.42 3.99 -7.12
CA ALA A 400 -8.02 4.80 -6.07
C ALA A 400 -9.43 5.21 -6.47
N THR A 401 -10.35 4.94 -5.56
CA THR A 401 -11.75 5.33 -5.74
C THR A 401 -12.33 5.62 -4.35
N GLY A 402 -13.65 5.53 -4.21
CA GLY A 402 -14.33 5.88 -2.96
C GLY A 402 -14.94 7.25 -3.10
N VAL A 403 -15.08 7.95 -1.98
CA VAL A 403 -15.69 9.27 -1.92
C VAL A 403 -14.59 10.22 -1.44
N VAL A 404 -14.43 11.35 -2.11
CA VAL A 404 -13.37 12.28 -1.74
C VAL A 404 -13.64 12.88 -0.36
N PHE A 405 -12.57 13.16 0.38
CA PHE A 405 -12.67 13.79 1.69
C PHE A 405 -13.04 15.26 1.49
N THR A 406 -14.08 15.71 2.17
CA THR A 406 -14.65 17.03 1.89
C THR A 406 -14.47 18.03 3.02
N SER A 407 -14.74 19.28 2.67
CA SER A 407 -14.71 20.42 3.56
C SER A 407 -15.73 21.41 3.05
N ALA A 408 -15.87 22.55 3.71
CA ALA A 408 -16.58 23.65 3.12
C ALA A 408 -15.74 24.23 1.99
N PHE A 409 -16.37 24.83 1.00
CA PHE A 409 -15.66 25.63 0.01
C PHE A 409 -15.78 27.09 0.43
N PRO A 410 -14.65 27.73 0.75
CA PRO A 410 -14.67 29.11 1.26
C PRO A 410 -15.28 30.09 0.27
N GLU A 411 -16.07 31.03 0.78
CA GLU A 411 -16.50 32.17 -0.01
C GLU A 411 -15.26 32.88 -0.53
N GLY A 412 -15.22 33.18 -1.82
CA GLY A 412 -14.07 33.82 -2.43
C GLY A 412 -12.97 32.87 -2.84
N GLY A 413 -13.25 31.57 -2.79
CA GLY A 413 -12.34 30.56 -3.32
C GLY A 413 -11.20 30.17 -2.41
N SER A 414 -10.29 29.37 -2.97
CA SER A 414 -9.21 28.76 -2.22
C SER A 414 -8.07 28.32 -3.14
N ASP A 415 -6.84 28.51 -2.68
CA ASP A 415 -5.66 28.01 -3.39
C ASP A 415 -5.35 26.56 -3.04
N ASN A 416 -6.09 25.98 -2.08
CA ASN A 416 -5.77 24.65 -1.56
C ASN A 416 -6.95 23.66 -1.50
N ILE A 417 -8.08 24.06 -2.06
CA ILE A 417 -9.34 23.32 -1.99
C ILE A 417 -10.06 23.53 -3.32
N SER A 418 -10.64 22.46 -3.87
CA SER A 418 -11.46 22.49 -5.09
C SER A 418 -12.94 22.56 -4.72
N GLN A 419 -13.76 23.19 -5.56
CA GLN A 419 -15.21 23.15 -5.38
C GLN A 419 -15.82 21.98 -6.15
N LEU A 420 -16.68 21.20 -5.48
CA LEU A 420 -17.34 20.02 -6.06
C LEU A 420 -18.83 20.21 -6.31
N ALA A 421 -19.46 21.00 -5.43
CA ALA A 421 -20.88 21.28 -5.45
C ALA A 421 -21.07 22.59 -4.69
N PRO A 422 -22.24 23.20 -4.72
CA PRO A 422 -22.46 24.48 -4.01
C PRO A 422 -22.07 24.42 -2.52
N GLY A 423 -21.05 25.18 -2.16
CA GLY A 423 -20.55 25.23 -0.79
C GLY A 423 -19.67 24.06 -0.38
N LEU A 424 -19.51 23.07 -1.25
CA LEU A 424 -18.78 21.84 -0.95
C LEU A 424 -17.37 21.86 -1.54
N GLY A 425 -16.38 21.71 -0.68
CA GLY A 425 -14.98 21.66 -1.07
C GLY A 425 -14.33 20.29 -0.95
N ALA A 426 -13.19 20.14 -1.63
CA ALA A 426 -12.34 18.96 -1.54
C ALA A 426 -10.89 19.43 -1.40
N PRO A 427 -10.31 19.34 -0.20
CA PRO A 427 -8.91 19.71 0.01
C PRO A 427 -7.94 18.93 -0.89
N PHE A 428 -6.95 19.62 -1.42
CA PHE A 428 -5.89 18.99 -2.20
C PHE A 428 -5.10 18.02 -1.33
N HIS A 429 -4.64 16.94 -1.94
CA HIS A 429 -3.90 15.91 -1.20
C HIS A 429 -3.12 15.04 -2.18
N GLN A 430 -2.29 14.15 -1.65
CA GLN A 430 -1.59 13.14 -2.44
C GLN A 430 -1.89 11.75 -1.87
N HIS A 431 -1.70 10.72 -2.69
CA HIS A 431 -1.72 9.32 -2.23
C HIS A 431 -0.38 8.77 -2.65
N ILE A 432 0.51 8.49 -1.70
CA ILE A 432 1.87 8.09 -2.03
C ILE A 432 2.19 6.73 -1.41
N PHE A 433 2.67 5.84 -2.27
CA PHE A 433 2.94 4.46 -1.93
C PHE A 433 4.45 4.23 -1.89
N SER A 434 4.85 3.23 -1.11
CA SER A 434 6.22 2.74 -1.10
C SER A 434 6.19 1.25 -1.39
N ALA A 435 6.76 0.84 -2.52
CA ALA A 435 6.90 -0.58 -2.84
C ALA A 435 8.26 -1.02 -2.33
N ARG A 436 8.27 -2.06 -1.50
CA ARG A 436 9.50 -2.66 -1.01
C ARG A 436 9.76 -3.92 -1.80
N LEU A 437 10.83 -3.89 -2.57
CA LEU A 437 11.20 -4.99 -3.46
C LEU A 437 12.53 -5.56 -2.99
N ASP A 438 12.45 -6.64 -2.21
CA ASP A 438 13.61 -7.41 -1.80
C ASP A 438 14.04 -8.22 -3.02
N MET A 439 15.05 -7.70 -3.71
CA MET A 439 15.48 -8.23 -5.00
C MET A 439 16.23 -9.54 -4.87
N ALA A 440 16.10 -10.38 -5.88
CA ALA A 440 16.87 -11.61 -5.98
C ALA A 440 17.10 -11.98 -7.44
N ILE A 441 17.68 -11.05 -8.20
CA ILE A 441 17.95 -11.26 -9.62
C ILE A 441 18.96 -12.40 -9.79
N ASP A 442 18.46 -13.56 -10.22
CA ASP A 442 19.26 -14.78 -10.36
C ASP A 442 19.96 -15.19 -9.05
N GLY A 443 19.32 -14.86 -7.92
CA GLY A 443 19.91 -15.03 -6.61
C GLY A 443 20.11 -13.70 -5.92
N PHE A 444 20.70 -13.74 -4.72
CA PHE A 444 20.78 -12.57 -3.84
C PHE A 444 21.92 -11.59 -4.10
N THR A 445 22.94 -11.97 -4.87
CA THR A 445 24.06 -11.08 -5.14
C THR A 445 23.68 -10.07 -6.23
N ASN A 446 23.15 -8.92 -5.81
CA ASN A 446 22.63 -7.91 -6.73
C ASN A 446 23.27 -6.54 -6.55
N ARG A 447 23.09 -5.69 -7.57
CA ARG A 447 23.51 -4.29 -7.50
C ARG A 447 22.52 -3.46 -8.31
N VAL A 448 22.48 -2.15 -8.05
CA VAL A 448 21.61 -1.24 -8.76
C VAL A 448 22.44 -0.20 -9.49
N GLU A 449 22.09 0.06 -10.74
CA GLU A 449 22.63 1.15 -11.53
C GLU A 449 21.53 2.12 -11.90
N GLU A 450 21.85 3.41 -11.86
CA GLU A 450 20.98 4.44 -12.38
C GLU A 450 21.37 4.67 -13.83
N GLU A 451 20.40 4.55 -14.74
CA GLU A 451 20.64 4.72 -16.16
C GLU A 451 19.96 5.98 -16.69
N ASP A 452 20.77 6.87 -17.27
CA ASP A 452 20.28 8.07 -17.94
C ASP A 452 20.60 8.04 -19.42
N VAL A 453 19.71 8.59 -20.22
CA VAL A 453 20.02 8.91 -21.61
C VAL A 453 21.09 10.01 -21.61
N VAL A 454 22.02 9.92 -22.57
CA VAL A 454 23.11 10.88 -22.74
C VAL A 454 23.01 11.50 -24.14
N ARG A 455 22.78 12.80 -24.19
CA ARG A 455 22.82 13.51 -25.46
C ARG A 455 24.27 13.81 -25.84
N GLN A 456 24.53 13.86 -27.14
CA GLN A 456 25.86 14.09 -27.66
C GLN A 456 25.88 15.32 -28.57
N THR A 457 27.01 16.03 -28.54
CA THR A 457 27.20 17.24 -29.32
C THR A 457 27.71 16.92 -30.72
N MET A 458 27.14 17.59 -31.71
CA MET A 458 27.60 17.52 -33.09
C MET A 458 29.06 17.98 -33.13
N GLY A 459 29.90 17.18 -33.80
CA GLY A 459 31.32 17.43 -33.85
C GLY A 459 32.06 16.19 -34.29
N PRO A 460 33.38 16.16 -34.09
CA PRO A 460 34.18 14.98 -34.42
C PRO A 460 33.63 13.69 -33.82
N GLY A 461 33.48 12.67 -34.66
CA GLY A 461 32.89 11.40 -34.25
C GLY A 461 31.37 11.37 -34.31
N ASN A 462 30.75 12.52 -34.58
CA ASN A 462 29.30 12.67 -34.60
C ASN A 462 28.95 13.84 -35.53
N GLU A 463 29.42 13.75 -36.77
CA GLU A 463 29.42 14.90 -37.68
C GLU A 463 28.03 15.35 -38.11
N ARG A 464 27.09 14.40 -38.15
CA ARG A 464 25.69 14.70 -38.49
C ARG A 464 24.82 15.04 -37.28
N GLY A 465 25.38 14.93 -36.07
CA GLY A 465 24.67 15.34 -34.87
C GLY A 465 23.45 14.49 -34.56
N ASN A 466 23.55 13.21 -34.88
CA ASN A 466 22.46 12.27 -34.64
C ASN A 466 22.68 11.34 -33.46
N ALA A 467 23.92 11.23 -33.00
CA ALA A 467 24.25 10.22 -32.00
C ALA A 467 23.58 10.53 -30.68
N PHE A 468 23.13 9.47 -30.01
CA PHE A 468 22.79 9.56 -28.60
C PHE A 468 23.17 8.24 -27.93
N SER A 469 23.30 8.29 -26.61
CA SER A 469 23.83 7.17 -25.86
C SER A 469 23.15 7.08 -24.50
N ARG A 470 23.77 6.34 -23.59
CA ARG A 470 23.31 6.29 -22.22
C ARG A 470 24.49 6.01 -21.31
N LYS A 471 24.26 6.23 -20.02
CA LYS A 471 25.27 6.00 -18.99
C LYS A 471 24.63 5.29 -17.81
N ARG A 472 25.42 4.44 -17.16
CA ARG A 472 24.97 3.74 -15.97
C ARG A 472 25.94 4.06 -14.84
N THR A 473 25.39 4.37 -13.68
CA THR A 473 26.17 4.64 -12.48
C THR A 473 25.80 3.64 -11.41
N VAL A 474 26.76 2.84 -10.97
CA VAL A 474 26.52 1.88 -9.91
C VAL A 474 26.37 2.62 -8.60
N LEU A 475 25.35 2.25 -7.83
CA LEU A 475 25.15 2.75 -6.48
C LEU A 475 25.89 1.78 -5.57
N THR A 476 27.02 2.22 -5.03
CA THR A 476 27.92 1.29 -4.33
C THR A 476 27.66 1.16 -2.84
N ARG A 477 27.13 2.22 -2.23
CA ARG A 477 26.88 2.24 -0.79
C ARG A 477 25.58 2.96 -0.50
N GLU A 478 24.98 2.67 0.65
CA GLU A 478 23.64 3.21 0.93
C GLU A 478 23.59 4.74 0.92
N SER A 479 24.69 5.40 1.28
CA SER A 479 24.73 6.87 1.32
C SER A 479 24.53 7.52 -0.05
N GLU A 480 24.87 6.81 -1.11
CA GLU A 480 24.67 7.33 -2.48
C GLU A 480 23.49 6.68 -3.18
N ALA A 481 22.60 6.01 -2.44
CA ALA A 481 21.51 5.26 -3.05
C ALA A 481 20.13 5.86 -2.78
N VAL A 482 20.08 7.15 -2.48
CA VAL A 482 18.82 7.88 -2.35
C VAL A 482 18.68 8.75 -3.59
N ARG A 483 17.79 8.35 -4.49
CA ARG A 483 17.75 8.90 -5.84
C ARG A 483 16.42 9.55 -6.18
N GLU A 484 16.48 10.53 -7.06
CA GLU A 484 15.30 11.18 -7.59
C GLU A 484 15.09 10.84 -9.07
N ALA A 485 13.85 11.01 -9.51
CA ALA A 485 13.47 10.83 -10.90
C ALA A 485 14.12 11.89 -11.78
N ASP A 486 14.29 11.55 -13.06
CA ASP A 486 14.61 12.54 -14.07
C ASP A 486 13.96 12.11 -15.37
N ALA A 487 12.70 12.49 -15.55
CA ALA A 487 11.95 12.03 -16.73
C ALA A 487 12.55 12.55 -18.04
N ARG A 488 13.07 13.77 -18.00
CA ARG A 488 13.62 14.44 -19.16
C ARG A 488 14.78 13.63 -19.76
N THR A 489 15.55 12.96 -18.90
CA THR A 489 16.68 12.15 -19.35
C THR A 489 16.37 10.66 -19.34
N GLY A 490 15.09 10.30 -19.25
CA GLY A 490 14.63 8.92 -19.32
C GLY A 490 15.22 8.03 -18.24
N ARG A 491 15.41 8.59 -17.05
CA ARG A 491 16.07 7.86 -15.97
C ARG A 491 15.31 6.62 -15.53
N THR A 492 16.01 5.50 -15.48
CA THR A 492 15.53 4.26 -14.91
C THR A 492 16.60 3.68 -13.98
N TRP A 493 16.28 2.59 -13.31
CA TRP A 493 17.23 1.92 -12.43
C TRP A 493 17.24 0.45 -12.77
N ILE A 494 18.44 -0.11 -12.97
CA ILE A 494 18.59 -1.51 -13.33
C ILE A 494 19.13 -2.28 -12.14
N ILE A 495 18.45 -3.36 -11.77
CA ILE A 495 18.96 -4.28 -10.77
C ILE A 495 19.56 -5.46 -11.52
N SER A 496 20.84 -5.71 -11.31
CA SER A 496 21.54 -6.80 -11.98
C SER A 496 22.26 -7.71 -11.01
N ASN A 497 22.66 -8.88 -11.51
CA ASN A 497 23.51 -9.80 -10.77
C ASN A 497 24.88 -9.80 -11.43
N PRO A 498 25.88 -9.17 -10.80
CA PRO A 498 27.21 -9.07 -11.42
C PRO A 498 27.94 -10.40 -11.62
N GLU A 499 27.49 -11.46 -10.93
CA GLU A 499 28.10 -12.79 -11.05
C GLU A 499 27.34 -13.75 -11.97
N SER A 500 26.22 -13.30 -12.53
CA SER A 500 25.42 -14.13 -13.43
C SER A 500 25.30 -13.44 -14.78
N LYS A 501 25.94 -14.00 -15.79
CA LYS A 501 25.97 -13.40 -17.12
C LYS A 501 25.07 -14.16 -18.09
N ASN A 502 24.52 -13.43 -19.05
CA ASN A 502 23.77 -14.04 -20.14
C ASN A 502 24.77 -14.53 -21.18
N ARG A 503 24.25 -15.09 -22.27
CA ARG A 503 25.12 -15.72 -23.28
C ARG A 503 26.00 -14.74 -24.03
N LEU A 504 25.66 -13.45 -23.94
CA LEU A 504 26.48 -12.39 -24.53
C LEU A 504 27.51 -11.80 -23.54
N ASN A 505 27.73 -12.50 -22.41
CA ASN A 505 28.67 -12.09 -21.37
C ASN A 505 28.34 -10.76 -20.68
N GLU A 506 27.05 -10.44 -20.58
CA GLU A 506 26.58 -9.24 -19.88
C GLU A 506 25.81 -9.67 -18.63
N PRO A 507 25.99 -8.97 -17.50
CA PRO A 507 25.20 -9.27 -16.30
C PRO A 507 23.70 -9.22 -16.56
N VAL A 508 22.98 -10.23 -16.05
CA VAL A 508 21.53 -10.30 -16.19
C VAL A 508 20.90 -9.23 -15.32
N GLY A 509 19.76 -8.70 -15.76
CA GLY A 509 19.15 -7.60 -15.04
C GLY A 509 17.69 -7.40 -15.34
N TYR A 510 17.07 -6.56 -14.51
CA TYR A 510 15.71 -6.08 -14.69
C TYR A 510 15.76 -4.57 -14.52
N LYS A 511 14.97 -3.87 -15.34
CA LYS A 511 14.90 -2.41 -15.34
C LYS A 511 13.59 -1.95 -14.75
N LEU A 512 13.67 -1.07 -13.76
CA LEU A 512 12.52 -0.46 -13.11
C LEU A 512 12.15 0.83 -13.86
N HIS A 513 10.91 0.87 -14.34
CA HIS A 513 10.33 2.01 -15.04
C HIS A 513 9.31 2.67 -14.13
N ALA A 514 9.62 3.89 -13.70
CA ALA A 514 8.73 4.67 -12.85
C ALA A 514 7.84 5.57 -13.71
N HIS A 515 6.74 6.02 -13.13
CA HIS A 515 5.81 6.92 -13.79
C HIS A 515 6.27 8.37 -13.66
N ASN A 516 7.20 8.63 -12.73
CA ASN A 516 7.79 9.95 -12.55
C ASN A 516 6.77 11.01 -12.16
N GLN A 517 5.80 10.61 -11.34
CA GLN A 517 4.83 11.53 -10.76
C GLN A 517 5.50 12.32 -9.64
N PRO A 518 4.97 13.48 -9.27
CA PRO A 518 5.56 14.24 -8.18
C PRO A 518 5.64 13.44 -6.86
N THR A 519 6.70 13.70 -6.09
CA THR A 519 6.86 13.10 -4.78
C THR A 519 6.24 14.05 -3.73
N LEU A 520 6.55 13.83 -2.46
CA LEU A 520 5.89 14.58 -1.38
C LEU A 520 6.14 16.09 -1.54
N LEU A 521 5.06 16.85 -1.53
CA LEU A 521 5.12 18.29 -1.82
C LEU A 521 5.33 19.16 -0.58
N ALA A 522 5.03 18.63 0.60
CA ALA A 522 5.16 19.39 1.85
C ALA A 522 6.54 20.01 2.02
N ASP A 523 6.60 21.14 2.70
CA ASP A 523 7.85 21.77 3.06
C ASP A 523 8.77 20.76 3.77
N PRO A 524 10.06 20.73 3.45
CA PRO A 524 10.98 19.76 4.07
C PRO A 524 11.10 19.87 5.60
N GLY A 525 10.71 21.00 6.20
CA GLY A 525 10.72 21.16 7.64
C GLY A 525 9.42 20.79 8.35
N SER A 526 8.45 20.26 7.61
CA SER A 526 7.18 19.88 8.20
C SER A 526 7.28 18.56 8.94
N SER A 527 6.32 18.34 9.84
CA SER A 527 6.16 17.05 10.53
C SER A 527 6.00 15.91 9.53
N ILE A 528 5.15 16.08 8.52
CA ILE A 528 4.93 15.02 7.55
C ILE A 528 6.19 14.71 6.71
N ALA A 529 6.99 15.71 6.36
CA ALA A 529 8.23 15.42 5.63
C ALA A 529 9.18 14.54 6.43
N ARG A 530 9.13 14.65 7.76
CA ARG A 530 9.96 13.83 8.64
C ARG A 530 9.39 12.44 8.86
N ARG A 531 8.08 12.35 9.08
CA ARG A 531 7.43 11.06 9.34
C ARG A 531 7.30 10.21 8.08
N ALA A 532 7.13 10.87 6.94
CA ALA A 532 7.10 10.22 5.64
C ALA A 532 8.32 10.60 4.80
N ALA A 533 9.50 10.56 5.40
CA ALA A 533 10.73 10.91 4.69
C ALA A 533 10.92 10.11 3.40
N PHE A 534 10.50 8.84 3.42
CA PHE A 534 10.63 7.98 2.25
C PHE A 534 9.96 8.61 1.03
N ALA A 535 8.88 9.34 1.28
CA ALA A 535 8.06 9.92 0.22
C ALA A 535 8.69 11.12 -0.47
N THR A 536 9.80 11.62 0.04
CA THR A 536 10.48 12.78 -0.55
C THR A 536 11.44 12.44 -1.69
N LYS A 537 11.72 11.14 -1.87
CA LYS A 537 12.63 10.69 -2.91
C LYS A 537 12.04 9.46 -3.62
N ASP A 538 12.35 9.32 -4.91
CA ASP A 538 11.75 8.28 -5.73
C ASP A 538 12.30 6.88 -5.48
N LEU A 539 13.58 6.76 -5.14
CA LEU A 539 14.19 5.45 -5.03
C LEU A 539 15.20 5.41 -3.92
N TRP A 540 15.12 4.38 -3.09
CA TRP A 540 16.09 4.10 -2.06
C TRP A 540 16.57 2.66 -2.25
N VAL A 541 17.86 2.43 -1.98
CA VAL A 541 18.39 1.07 -1.92
C VAL A 541 19.07 0.83 -0.58
N THR A 542 18.65 -0.22 0.11
CA THR A 542 19.30 -0.65 1.34
C THR A 542 19.87 -2.04 1.24
N ARG A 543 20.82 -2.31 2.13
CA ARG A 543 21.29 -3.65 2.39
C ARG A 543 20.20 -4.35 3.19
N TYR A 544 19.87 -5.59 2.82
CA TYR A 544 18.83 -6.34 3.49
C TYR A 544 19.16 -6.54 4.98
N ALA A 545 18.16 -6.31 5.83
CA ALA A 545 18.20 -6.71 7.23
C ALA A 545 16.81 -7.18 7.63
N ASP A 546 16.72 -8.21 8.47
CA ASP A 546 15.42 -8.79 8.81
C ASP A 546 14.48 -7.84 9.56
N ASP A 547 15.04 -6.85 10.27
CA ASP A 547 14.23 -5.92 11.06
C ASP A 547 13.90 -4.59 10.35
N GLU A 548 14.32 -4.46 9.09
CA GLU A 548 14.04 -3.27 8.30
C GLU A 548 12.89 -3.58 7.32
N ARG A 549 11.68 -3.52 7.85
CA ARG A 549 10.48 -4.00 7.15
C ARG A 549 9.69 -2.89 6.47
N TYR A 550 9.60 -1.72 7.11
CA TYR A 550 8.75 -0.63 6.64
C TYR A 550 9.56 0.66 6.51
N PRO A 551 9.26 1.50 5.51
CA PRO A 551 10.04 2.72 5.29
C PRO A 551 9.82 3.76 6.39
N THR A 552 8.78 3.54 7.20
CA THR A 552 8.38 4.36 8.32
C THR A 552 8.61 3.70 9.69
N GLY A 553 9.27 2.55 9.71
CA GLY A 553 9.47 1.80 10.95
C GLY A 553 8.25 1.01 11.38
N ASP A 554 8.40 0.33 12.51
CA ASP A 554 7.37 -0.62 12.98
C ASP A 554 6.15 0.08 13.56
N PHE A 555 6.34 1.23 14.20
CA PHE A 555 5.26 1.93 14.87
C PHE A 555 5.15 3.36 14.34
N VAL A 556 4.17 3.57 13.48
CA VAL A 556 4.02 4.84 12.77
C VAL A 556 3.09 5.80 13.49
N ASN A 557 2.02 5.27 14.07
CA ASN A 557 1.00 6.04 14.78
C ASN A 557 1.62 6.96 15.85
N GLN A 558 1.44 8.27 15.69
CA GLN A 558 1.88 9.27 16.65
C GLN A 558 3.37 9.15 16.93
N HIS A 559 4.12 8.80 15.89
CA HIS A 559 5.55 8.61 16.02
C HIS A 559 6.27 9.63 15.17
N SER A 560 7.22 10.33 15.80
CA SER A 560 8.03 11.31 15.12
C SER A 560 9.02 10.62 14.19
N GLY A 561 9.83 11.42 13.50
CA GLY A 561 11.00 10.91 12.80
C GLY A 561 11.93 10.23 13.78
N GLY A 562 12.88 9.48 13.25
CA GLY A 562 13.85 8.75 14.05
C GLY A 562 14.03 7.31 13.61
N ALA A 563 13.02 6.74 12.97
CA ALA A 563 13.02 5.35 12.50
C ALA A 563 12.91 5.32 10.97
N GLY A 564 12.76 4.13 10.39
CA GLY A 564 12.53 4.00 8.96
C GLY A 564 13.75 4.25 8.11
N LEU A 565 13.51 4.56 6.84
CA LEU A 565 14.58 4.58 5.83
C LEU A 565 15.77 5.49 6.11
N PRO A 566 15.57 6.73 6.56
CA PRO A 566 16.72 7.61 6.86
C PRO A 566 17.66 7.03 7.92
N SER A 567 17.11 6.31 8.89
CA SER A 567 17.95 5.64 9.89
C SER A 567 18.65 4.40 9.32
N TYR A 568 17.97 3.66 8.44
CA TYR A 568 18.57 2.46 7.85
C TYR A 568 19.80 2.79 7.01
N ILE A 569 19.70 3.80 6.16
CA ILE A 569 20.79 4.12 5.23
C ILE A 569 21.98 4.80 5.90
N ALA A 570 21.78 5.37 7.08
CA ALA A 570 22.88 5.93 7.86
C ALA A 570 23.99 4.92 8.15
N GLN A 571 23.64 3.63 8.12
CA GLN A 571 24.61 2.55 8.32
C GLN A 571 25.62 2.48 7.16
N ASP A 572 25.26 3.03 6.01
CA ASP A 572 26.16 3.19 4.85
C ASP A 572 26.80 1.88 4.41
N ARG A 573 25.96 0.86 4.28
CA ARG A 573 26.40 -0.49 4.02
C ARG A 573 26.69 -0.69 2.53
N ASP A 574 27.55 -1.66 2.25
CA ASP A 574 27.89 -2.06 0.90
C ASP A 574 26.64 -2.65 0.21
N ILE A 575 26.29 -2.12 -0.96
CA ILE A 575 25.17 -2.64 -1.77
C ILE A 575 25.61 -3.03 -3.19
N ASP A 576 26.92 -3.09 -3.41
CA ASP A 576 27.47 -3.44 -4.72
C ASP A 576 27.77 -4.93 -4.77
N GLY A 577 26.77 -5.71 -5.19
CA GLY A 577 26.89 -7.17 -5.22
C GLY A 577 26.61 -7.76 -3.84
N GLN A 578 25.44 -7.42 -3.31
CA GLN A 578 25.01 -7.87 -2.00
C GLN A 578 23.50 -8.11 -2.00
N ASP A 579 22.98 -8.61 -0.89
CA ASP A 579 21.54 -8.82 -0.71
C ASP A 579 20.90 -7.47 -0.44
N ILE A 580 20.19 -6.93 -1.43
CA ILE A 580 19.66 -5.58 -1.37
C ILE A 580 18.15 -5.49 -1.55
N VAL A 581 17.62 -4.34 -1.14
CA VAL A 581 16.19 -4.04 -1.16
C VAL A 581 16.00 -2.68 -1.80
N VAL A 582 15.10 -2.62 -2.77
CA VAL A 582 14.75 -1.40 -3.47
C VAL A 582 13.41 -0.91 -2.89
N TRP A 583 13.35 0.37 -2.56
CA TRP A 583 12.14 0.97 -2.05
C TRP A 583 11.77 2.10 -3.01
N HIS A 584 10.69 1.89 -3.76
CA HIS A 584 10.22 2.86 -4.76
C HIS A 584 8.99 3.61 -4.28
N THR A 585 9.14 4.93 -4.22
CA THR A 585 8.06 5.86 -3.92
C THR A 585 7.35 6.25 -5.20
N PHE A 586 6.02 6.18 -5.19
CA PHE A 586 5.22 6.60 -6.35
C PHE A 586 3.83 6.99 -5.86
N GLY A 587 3.26 8.03 -6.45
CA GLY A 587 1.98 8.52 -5.94
C GLY A 587 1.19 9.36 -6.92
N LEU A 588 -0.04 9.65 -6.51
CA LEU A 588 -0.93 10.51 -7.24
C LEU A 588 -1.09 11.81 -6.48
N THR A 589 -1.03 12.92 -7.19
CA THR A 589 -1.33 14.21 -6.64
C THR A 589 -2.71 14.59 -7.13
N HIS A 590 -3.62 14.78 -6.17
CA HIS A 590 -5.05 14.90 -6.46
C HIS A 590 -5.56 16.31 -6.16
N PHE A 591 -5.93 17.01 -7.23
CA PHE A 591 -6.69 18.25 -7.16
C PHE A 591 -8.10 17.84 -7.60
N PRO A 592 -8.99 17.58 -6.65
CA PRO A 592 -10.28 17.01 -7.01
C PRO A 592 -11.05 17.85 -8.02
N ARG A 593 -11.70 17.14 -8.92
CA ARG A 593 -12.50 17.73 -9.98
C ARG A 593 -13.96 17.46 -9.68
N VAL A 594 -14.84 18.24 -10.30
CA VAL A 594 -16.28 18.02 -10.13
C VAL A 594 -16.69 16.58 -10.51
N GLU A 595 -16.03 16.00 -11.51
CA GLU A 595 -16.29 14.63 -11.94
C GLU A 595 -15.98 13.57 -10.88
N ASP A 596 -15.20 13.93 -9.86
CA ASP A 596 -14.91 13.03 -8.73
C ASP A 596 -16.08 12.91 -7.74
N TRP A 597 -17.09 13.77 -7.88
CA TRP A 597 -18.22 13.86 -6.96
C TRP A 597 -19.50 13.38 -7.65
N PRO A 598 -20.39 12.63 -6.98
CA PRO A 598 -20.34 12.22 -5.56
C PRO A 598 -19.60 10.92 -5.20
N ILE A 599 -19.15 10.18 -6.20
CA ILE A 599 -18.28 9.04 -5.98
C ILE A 599 -17.26 9.07 -7.11
N MET A 600 -16.02 8.79 -6.79
CA MET A 600 -14.94 9.09 -7.72
C MET A 600 -14.65 7.91 -8.67
N PRO A 601 -14.58 8.20 -9.97
CA PRO A 601 -14.08 7.21 -10.93
C PRO A 601 -12.64 6.84 -10.62
N VAL A 602 -12.28 5.59 -10.87
CA VAL A 602 -10.94 5.10 -10.54
C VAL A 602 -9.88 5.93 -11.23
N ASP A 603 -8.83 6.24 -10.49
CA ASP A 603 -7.59 6.74 -11.07
C ASP A 603 -6.46 5.80 -10.62
N THR A 604 -5.36 5.80 -11.37
CA THR A 604 -4.33 4.79 -11.16
C THR A 604 -2.93 5.37 -11.09
N VAL A 605 -2.05 4.64 -10.43
CA VAL A 605 -0.62 4.89 -10.48
C VAL A 605 0.10 3.56 -10.23
N GLY A 606 1.35 3.47 -10.65
CA GLY A 606 2.09 2.26 -10.46
C GLY A 606 3.53 2.34 -10.95
N PHE A 607 4.07 1.18 -11.27
CA PHE A 607 5.42 1.04 -11.80
C PHE A 607 5.57 -0.35 -12.42
N LYS A 608 6.62 -0.57 -13.18
CA LYS A 608 6.88 -1.92 -13.66
C LYS A 608 8.37 -2.17 -13.76
N LEU A 609 8.72 -3.46 -13.85
CA LEU A 609 10.09 -3.90 -14.11
C LEU A 609 10.09 -4.81 -15.31
N ARG A 610 11.01 -4.57 -16.24
CA ARG A 610 11.12 -5.35 -17.46
C ARG A 610 12.48 -6.02 -17.49
N PRO A 611 12.56 -7.25 -17.99
CA PRO A 611 13.86 -7.90 -18.13
C PRO A 611 14.79 -7.08 -19.03
N GLU A 612 16.08 -7.05 -18.66
CA GLU A 612 17.09 -6.28 -19.37
C GLU A 612 18.31 -7.17 -19.50
N GLY A 613 18.36 -7.95 -20.57
CA GLY A 613 19.40 -8.95 -20.70
C GLY A 613 19.36 -10.07 -19.67
N PHE A 614 18.21 -10.26 -19.04
CA PHE A 614 18.00 -11.39 -18.13
C PHE A 614 17.99 -12.71 -18.92
N PHE A 615 17.28 -12.70 -20.05
CA PHE A 615 17.12 -13.86 -20.91
C PHE A 615 18.13 -13.80 -22.05
N ASP A 616 18.36 -14.93 -22.72
CA ASP A 616 19.31 -15.03 -23.82
C ASP A 616 18.72 -14.65 -25.18
N ARG A 617 17.42 -14.41 -25.18
CA ARG A 617 16.62 -14.04 -26.35
C ARG A 617 15.20 -13.85 -25.81
N SER A 618 14.25 -13.48 -26.66
CA SER A 618 12.87 -13.37 -26.23
C SER A 618 12.44 -14.65 -25.49
N PRO A 619 11.80 -14.51 -24.32
CA PRO A 619 11.28 -15.67 -23.57
C PRO A 619 9.91 -16.18 -24.04
N VAL A 620 9.35 -15.61 -25.10
CA VAL A 620 8.01 -15.99 -25.56
C VAL A 620 7.97 -16.51 -27.01
N LEU A 621 9.07 -17.08 -27.46
CA LEU A 621 9.12 -17.73 -28.78
C LEU A 621 8.34 -19.04 -28.81
N ASP A 622 8.10 -19.62 -27.64
CA ASP A 622 7.40 -20.90 -27.55
C ASP A 622 5.89 -20.72 -27.27
N VAL A 623 5.40 -19.49 -27.33
CA VAL A 623 3.97 -19.24 -27.22
C VAL A 623 3.32 -19.71 -28.53
N PRO A 624 2.26 -20.51 -28.45
CA PRO A 624 1.61 -21.04 -29.65
C PRO A 624 0.73 -20.01 -30.34
N ALA A 625 0.46 -20.23 -31.62
CA ALA A 625 -0.47 -19.40 -32.38
C ALA A 625 -1.89 -19.62 -31.86
N ASN A 626 -2.71 -18.57 -31.95
CA ASN A 626 -4.17 -18.67 -31.80
C ASN A 626 -4.62 -19.53 -30.62
CU CU B . -7.37 11.55 -3.87
NA NA C . 17.61 -8.90 -1.82
S SO4 D . -6.89 -6.21 -29.19
O1 SO4 D . -7.31 -5.19 -30.17
O2 SO4 D . -6.82 -5.63 -27.86
O3 SO4 D . -7.86 -7.29 -29.21
O4 SO4 D . -5.56 -6.70 -29.56
XE XE E . 2.34 -16.93 -10.94
XE XE F . -3.99 5.71 -6.81
XE XE G . 8.60 0.64 28.96
XE XE H . 0.71 -11.66 -10.13
XE XE I . -3.46 -14.28 18.67
XE XE J . -2.43 -13.71 10.41
XE XE K . -15.52 6.33 8.92
C1 GOL L . 7.97 7.35 11.36
O1 GOL L . 7.49 6.30 12.16
C2 GOL L . 9.48 7.19 11.16
O2 GOL L . 10.15 7.49 12.38
C3 GOL L . 9.98 8.10 10.05
O3 GOL L . 9.51 7.65 8.80
C1 GOL M . -27.34 18.54 6.42
O1 GOL M . -28.56 18.47 7.13
C2 GOL M . -27.25 19.86 5.66
O2 GOL M . -28.39 20.03 4.85
C3 GOL M . -27.15 21.04 6.63
O3 GOL M . -27.09 22.24 5.88
C1 GOL N . 23.12 -16.74 -4.06
C1 GOL N . 23.14 -16.19 -4.06
O1 GOL N . 21.81 -16.41 -3.64
C2 GOL N . 23.89 -15.47 -4.35
C2 GOL N . 23.36 -16.86 -5.42
O2 GOL N . 24.95 -15.32 -3.44
O2 GOL N . 24.00 -18.09 -5.23
C3 GOL N . 24.43 -15.46 -5.78
C3 GOL N . 24.21 -15.97 -6.33
O3 GOL N . 23.52 -14.78 -6.62
#